data_6C5W
#
_entry.id   6C5W
#
_cell.length_a   88.020
_cell.length_b   290.450
_cell.length_c   126.120
_cell.angle_alpha   90.000
_cell.angle_beta   90.000
_cell.angle_gamma   90.000
#
_symmetry.space_group_name_H-M   'C 2 2 21'
#
loop_
_entity.id
_entity.type
_entity.pdbx_description
1 polymer 'calcium uniporter'
2 polymer nanobody
3 non-polymer 'CALCIUM ION'
#
loop_
_entity_poly.entity_id
_entity_poly.type
_entity_poly.pdbx_seq_one_letter_code
_entity_poly.pdbx_strand_id
1 'polypeptide(L)'
;ATKGRLLTTPTRLLKLILPIPFHPEQEYINSDETKTNKPKEDAVEPLALLVHPQQPLSYLERLIQAEIPPLLVKDREKLP
EIIFRAEADYTGSNVASYSGLGREGPSKGDTHWVRWSGSTEIGDFIRDAARGREFSVTIEGHAEELRVAVPSFKDRTYYM
RMRLRRMSQEIDQMATVKRECDLLAHKGAHALAKGGFAALAAWWGIVYYVTFHTDMGWDLVEPITYLAGLASIMGGYLWF
LFISRDLSYKAAMNVTVSRRQNALYQERGFDPAKWDQLVHDANGLRREIKFAATEYGVEWDEMKDLGGEEVK
;
A,B
2 'polypeptide(L)'
;VQLQESGGGLVQAGGSLRLSCAASGTIFSPHYMGWYRQAPGKEREFVAGIGFGTTTNYANSVKGRFTISRDNAKNTVYLQ
MNSLKPEDTAVYYCAARLYPILGHTYWGQGTQVTVSS
;
C,E
#
loop_
_chem_comp.id
_chem_comp.type
_chem_comp.name
_chem_comp.formula
CA non-polymer 'CALCIUM ION' 'Ca 2'
#
# COMPACT_ATOMS: atom_id res chain seq x y z
N THR A 2 52.54 -11.08 33.91
CA THR A 2 53.23 -11.71 32.79
C THR A 2 52.40 -12.85 32.20
N LYS A 3 51.08 -12.71 32.27
CA LYS A 3 50.19 -13.76 31.82
C LYS A 3 50.01 -13.71 30.31
N GLY A 4 49.63 -14.86 29.75
CA GLY A 4 49.44 -14.98 28.32
C GLY A 4 48.04 -14.58 27.87
N ARG A 5 47.87 -14.56 26.55
CA ARG A 5 46.62 -14.16 25.93
C ARG A 5 46.25 -15.15 24.83
N LEU A 6 44.95 -15.33 24.63
CA LEU A 6 44.42 -16.00 23.46
C LEU A 6 43.45 -15.04 22.78
N LEU A 7 43.89 -14.46 21.67
CA LEU A 7 43.16 -13.40 20.99
C LEU A 7 42.32 -13.96 19.84
N THR A 8 41.27 -13.23 19.50
CA THR A 8 40.40 -13.56 18.39
C THR A 8 40.67 -12.64 17.21
N THR A 9 40.62 -13.19 16.02
CA THR A 9 40.87 -12.49 14.77
C THR A 9 39.58 -12.38 13.97
N PRO A 10 39.54 -11.53 12.91
CA PRO A 10 38.34 -11.48 12.07
C PRO A 10 37.92 -12.83 11.51
N THR A 11 38.88 -13.66 11.12
CA THR A 11 38.58 -15.00 10.65
C THR A 11 38.39 -15.93 11.85
N ARG A 12 38.26 -17.23 11.61
CA ARG A 12 38.01 -18.17 12.70
C ARG A 12 39.24 -18.44 13.54
N LEU A 13 40.43 -18.04 13.09
CA LEU A 13 41.66 -18.37 13.79
C LEU A 13 41.74 -17.66 15.14
N LEU A 14 42.66 -18.13 15.98
CA LEU A 14 42.92 -17.55 17.29
C LEU A 14 44.42 -17.35 17.43
N LYS A 15 44.83 -16.14 17.81
CA LYS A 15 46.23 -15.84 18.06
C LYS A 15 46.54 -16.02 19.54
N LEU A 16 47.58 -16.80 19.83
CA LEU A 16 47.95 -17.17 21.19
C LEU A 16 49.26 -16.49 21.56
N ILE A 17 49.18 -15.58 22.53
CA ILE A 17 50.36 -14.95 23.12
C ILE A 17 50.66 -15.66 24.43
N LEU A 18 51.85 -16.24 24.54
CA LEU A 18 52.29 -16.87 25.77
C LEU A 18 53.72 -16.43 26.04
N PRO A 19 54.01 -15.83 27.20
CA PRO A 19 55.39 -15.47 27.52
C PRO A 19 56.16 -16.64 28.12
N ILE A 20 56.98 -17.29 27.31
CA ILE A 20 57.83 -18.37 27.80
C ILE A 20 58.98 -17.76 28.58
N PRO A 21 59.35 -18.31 29.74
CA PRO A 21 60.39 -17.71 30.58
C PRO A 21 61.81 -17.92 30.09
N PHE A 22 61.99 -18.36 28.84
CA PHE A 22 63.27 -18.81 28.34
C PHE A 22 64.01 -17.71 27.60
N HIS A 23 65.33 -17.93 27.44
CA HIS A 23 66.18 -17.38 26.39
C HIS A 23 67.66 -17.72 26.57
N PRO A 24 68.23 -17.65 27.78
CA PRO A 24 69.64 -18.09 27.85
C PRO A 24 69.74 -19.61 27.89
N GLU A 25 69.46 -20.24 26.75
CA GLU A 25 69.29 -21.69 26.77
C GLU A 25 69.69 -22.32 25.44
N GLN A 26 70.65 -23.24 25.50
CA GLN A 26 70.77 -24.30 24.52
C GLN A 26 69.67 -25.34 24.75
N GLU A 27 69.64 -25.91 25.95
CA GLU A 27 68.52 -26.69 26.45
C GLU A 27 68.12 -26.10 27.80
N TYR A 28 66.82 -26.12 28.09
CA TYR A 28 66.30 -25.42 29.25
C TYR A 28 66.35 -26.25 30.52
N ILE A 29 66.92 -27.45 30.49
CA ILE A 29 67.04 -28.26 31.68
C ILE A 29 68.26 -27.83 32.49
N GLU A 41 68.74 -12.67 33.47
CA GLU A 41 68.43 -13.52 32.32
C GLU A 41 67.10 -13.11 31.68
N ASP A 42 67.18 -12.23 30.69
CA ASP A 42 65.98 -11.72 30.04
C ASP A 42 65.30 -12.82 29.24
N ALA A 43 63.97 -12.84 29.28
CA ALA A 43 63.21 -13.83 28.54
C ALA A 43 63.13 -13.46 27.07
N VAL A 44 62.76 -14.44 26.25
CA VAL A 44 62.60 -14.22 24.82
C VAL A 44 61.24 -13.59 24.59
N GLU A 45 61.18 -12.68 23.59
CA GLU A 45 59.97 -12.03 23.12
C GLU A 45 58.80 -13.01 23.11
N PRO A 46 57.64 -12.63 23.66
CA PRO A 46 56.56 -13.61 23.86
C PRO A 46 56.14 -14.28 22.57
N LEU A 47 55.87 -15.57 22.66
CA LEU A 47 55.56 -16.39 21.49
C LEU A 47 54.14 -16.12 21.03
N ALA A 48 53.98 -15.84 19.73
CA ALA A 48 52.69 -15.55 19.12
C ALA A 48 52.38 -16.66 18.12
N LEU A 49 51.36 -17.46 18.43
CA LEU A 49 50.99 -18.61 17.61
C LEU A 49 49.58 -18.44 17.07
N LEU A 50 49.40 -18.81 15.81
CA LEU A 50 48.11 -18.75 15.14
C LEU A 50 47.52 -20.16 15.08
N VAL A 51 46.39 -20.35 15.75
CA VAL A 51 45.73 -21.66 15.82
C VAL A 51 44.27 -21.52 15.39
N HIS A 52 43.71 -22.63 14.94
CA HIS A 52 42.36 -22.89 14.47
C HIS A 52 41.55 -23.55 15.58
N PRO A 53 40.27 -23.19 15.74
CA PRO A 53 39.47 -23.79 16.81
C PRO A 53 39.23 -25.28 16.65
N GLN A 54 39.49 -25.86 15.47
CA GLN A 54 39.28 -27.28 15.23
C GLN A 54 40.55 -28.10 15.33
N GLN A 55 41.72 -27.48 15.48
CA GLN A 55 42.84 -28.41 15.58
C GLN A 55 43.03 -28.86 17.03
N PRO A 56 43.43 -30.11 17.23
CA PRO A 56 43.52 -30.64 18.60
C PRO A 56 44.63 -29.98 19.40
N LEU A 57 44.58 -30.23 20.71
CA LEU A 57 45.61 -29.68 21.59
C LEU A 57 46.98 -30.29 21.32
N SER A 58 47.00 -31.50 20.74
CA SER A 58 48.27 -32.14 20.41
C SER A 58 49.02 -31.35 19.34
N TYR A 59 48.29 -30.76 18.39
CA TYR A 59 48.92 -29.91 17.39
C TYR A 59 49.46 -28.63 18.02
N LEU A 60 48.68 -28.04 18.94
CA LEU A 60 49.19 -26.88 19.69
C LEU A 60 50.41 -27.24 20.51
N GLU A 61 50.52 -28.51 20.94
CA GLU A 61 51.71 -28.95 21.66
C GLU A 61 52.94 -28.92 20.76
N ARG A 62 52.86 -29.62 19.61
CA ARG A 62 54.01 -29.65 18.70
C ARG A 62 54.23 -28.32 18.00
N LEU A 63 53.29 -27.39 18.10
CA LEU A 63 53.56 -26.01 17.67
C LEU A 63 54.49 -25.31 18.65
N ILE A 64 54.19 -25.40 19.94
CA ILE A 64 55.04 -24.76 20.95
C ILE A 64 56.38 -25.47 21.05
N GLN A 65 56.42 -26.78 20.79
CA GLN A 65 57.68 -27.50 20.83
C GLN A 65 58.66 -26.98 19.80
N ALA A 66 58.15 -26.42 18.70
CA ALA A 66 59.04 -25.93 17.65
C ALA A 66 59.72 -24.62 18.07
N GLU A 67 58.98 -23.73 18.72
CA GLU A 67 59.52 -22.46 19.21
C GLU A 67 60.05 -22.58 20.63
N ILE A 68 60.66 -23.72 20.97
CA ILE A 68 61.13 -23.95 22.33
C ILE A 68 62.43 -24.75 22.26
N PRO A 69 63.34 -24.50 23.21
CA PRO A 69 64.58 -25.25 23.23
C PRO A 69 64.32 -26.73 23.48
N PRO A 70 65.19 -27.61 23.00
CA PRO A 70 65.04 -29.03 23.28
C PRO A 70 65.26 -29.32 24.76
N LEU A 71 64.83 -30.51 25.16
CA LEU A 71 64.97 -30.98 26.54
C LEU A 71 66.00 -32.08 26.58
N LEU A 72 67.09 -31.85 27.30
CA LEU A 72 68.22 -32.77 27.34
C LEU A 72 68.12 -33.69 28.55
N VAL A 73 68.25 -34.99 28.32
CA VAL A 73 68.42 -35.99 29.37
C VAL A 73 69.66 -36.80 29.02
N LYS A 74 70.69 -36.68 29.87
CA LYS A 74 71.95 -37.38 29.67
C LYS A 74 72.56 -37.09 28.31
N ASP A 75 72.60 -38.10 27.43
CA ASP A 75 73.26 -38.00 26.14
C ASP A 75 72.35 -37.55 25.02
N ARG A 76 71.03 -37.54 25.24
CA ARG A 76 70.07 -37.29 24.17
C ARG A 76 69.14 -36.14 24.56
N GLU A 77 68.62 -35.46 23.54
CA GLU A 77 67.60 -34.43 23.71
C GLU A 77 66.27 -34.97 23.23
N LYS A 78 65.19 -34.44 23.81
CA LYS A 78 63.85 -34.91 23.48
C LYS A 78 62.88 -33.73 23.53
N LEU A 79 61.82 -33.83 22.73
CA LEU A 79 60.82 -32.78 22.68
C LEU A 79 60.09 -32.70 24.01
N PRO A 80 59.90 -31.50 24.58
CA PRO A 80 59.21 -31.38 25.86
C PRO A 80 57.73 -31.77 25.74
N GLU A 81 57.23 -32.41 26.79
CA GLU A 81 55.81 -32.70 26.89
C GLU A 81 55.09 -31.46 27.41
N ILE A 82 53.89 -31.20 26.87
CA ILE A 82 53.11 -30.02 27.22
C ILE A 82 51.73 -30.47 27.67
N ILE A 83 51.31 -30.00 28.84
CA ILE A 83 50.06 -30.42 29.46
C ILE A 83 49.19 -29.18 29.69
N PHE A 84 47.96 -29.22 29.18
CA PHE A 84 47.01 -28.15 29.34
C PHE A 84 46.01 -28.53 30.44
N ARG A 85 45.82 -27.62 31.40
CA ARG A 85 44.89 -27.83 32.50
C ARG A 85 43.88 -26.70 32.55
N ALA A 86 42.69 -27.02 33.08
CA ALA A 86 41.63 -26.05 33.26
C ALA A 86 40.93 -26.29 34.58
N GLU A 87 40.21 -25.28 35.06
CA GLU A 87 39.50 -25.29 36.34
C GLU A 87 38.25 -26.22 36.32
N ALA A 88 38.11 -27.05 35.29
CA ALA A 88 36.87 -27.80 35.08
C ALA A 88 36.49 -28.61 36.30
N ASP A 89 35.20 -28.57 36.64
CA ASP A 89 34.66 -29.35 37.75
C ASP A 89 33.40 -30.09 37.32
N SER A 93 26.75 -30.83 39.84
CA SER A 93 27.55 -32.00 40.14
C SER A 93 27.64 -32.92 38.92
N ASN A 94 26.51 -33.09 38.24
CA ASN A 94 26.46 -33.84 36.99
C ASN A 94 26.34 -32.93 35.78
N VAL A 95 26.26 -31.62 35.98
CA VAL A 95 26.14 -30.65 34.90
C VAL A 95 27.37 -29.75 34.93
N ALA A 96 28.02 -29.61 33.78
CA ALA A 96 29.20 -28.77 33.69
C ALA A 96 28.82 -27.30 33.86
N SER A 97 29.35 -26.67 34.90
CA SER A 97 28.99 -25.30 35.25
C SER A 97 29.64 -24.33 34.28
N TYR A 98 28.90 -23.91 33.26
CA TYR A 98 29.38 -22.95 32.28
C TYR A 98 28.97 -21.55 32.68
N SER A 99 29.83 -20.58 32.36
CA SER A 99 29.59 -19.19 32.74
C SER A 99 29.71 -18.25 31.56
N GLY A 100 30.60 -18.57 30.63
CA GLY A 100 30.87 -17.71 29.49
C GLY A 100 31.58 -16.42 29.83
N LEU A 101 32.05 -16.25 31.07
CA LEU A 101 32.74 -15.04 31.49
C LEU A 101 34.23 -15.10 31.23
N GLY A 102 34.87 -16.23 31.52
CA GLY A 102 36.28 -16.36 31.21
C GLY A 102 37.12 -15.46 32.11
N ARG A 103 37.96 -14.64 31.49
CA ARG A 103 38.83 -13.73 32.24
C ARG A 103 38.04 -12.68 33.01
N GLU A 104 36.84 -12.34 32.54
CA GLU A 104 35.99 -11.37 33.22
C GLU A 104 35.31 -11.94 34.45
N GLY A 105 35.65 -13.16 34.85
CA GLY A 105 35.05 -13.81 35.99
C GLY A 105 35.51 -13.25 37.32
N PRO A 106 35.08 -13.89 38.41
CA PRO A 106 35.35 -13.34 39.75
C PRO A 106 36.68 -13.78 40.35
N SER A 107 37.12 -15.00 40.00
CA SER A 107 38.31 -15.64 40.54
C SER A 107 38.15 -16.05 41.99
N LYS A 108 38.80 -17.14 42.38
CA LYS A 108 38.78 -17.65 43.74
C LYS A 108 40.20 -17.94 44.18
N GLY A 109 40.39 -18.01 45.51
CA GLY A 109 41.70 -18.23 46.10
C GLY A 109 42.55 -19.32 45.48
N ASP A 110 42.03 -20.56 45.47
CA ASP A 110 42.74 -21.68 44.89
C ASP A 110 41.75 -22.57 44.15
N THR A 111 42.13 -22.99 42.95
CA THR A 111 41.26 -23.71 42.04
C THR A 111 41.70 -25.16 41.87
N HIS A 112 40.77 -25.99 41.41
CA HIS A 112 41.03 -27.39 41.12
C HIS A 112 41.22 -27.56 39.62
N TRP A 113 42.41 -27.99 39.21
CA TRP A 113 42.75 -28.17 37.81
C TRP A 113 42.62 -29.64 37.41
N VAL A 114 42.31 -29.86 36.14
CA VAL A 114 42.23 -31.21 35.58
C VAL A 114 42.95 -31.22 34.23
N ARG A 115 43.57 -32.36 33.93
CA ARG A 115 44.20 -32.53 32.63
C ARG A 115 43.14 -32.67 31.54
N TRP A 116 43.47 -32.16 30.35
CA TRP A 116 42.61 -32.29 29.18
C TRP A 116 43.32 -33.12 28.13
N SER A 117 42.56 -33.99 27.46
CA SER A 117 43.14 -34.91 26.48
C SER A 117 43.70 -34.16 25.29
N GLY A 118 44.79 -34.68 24.73
CA GLY A 118 45.40 -34.02 23.59
C GLY A 118 44.59 -34.12 22.31
N SER A 119 43.44 -34.79 22.36
CA SER A 119 42.54 -34.86 21.22
C SER A 119 41.44 -33.82 21.27
N THR A 120 41.32 -33.09 22.36
CA THR A 120 40.30 -32.05 22.47
C THR A 120 40.62 -30.90 21.53
N GLU A 121 39.63 -30.48 20.75
CA GLU A 121 39.81 -29.34 19.87
C GLU A 121 39.95 -28.06 20.69
N ILE A 122 40.78 -27.13 20.18
CA ILE A 122 41.07 -25.90 20.91
C ILE A 122 39.79 -25.11 21.16
N GLY A 123 38.88 -25.10 20.20
CA GLY A 123 37.62 -24.39 20.40
C GLY A 123 36.79 -24.97 21.52
N ASP A 124 36.67 -26.30 21.55
CA ASP A 124 35.91 -26.94 22.61
C ASP A 124 36.58 -26.77 23.96
N PHE A 125 37.92 -26.85 24.00
CA PHE A 125 38.64 -26.71 25.26
C PHE A 125 38.53 -25.29 25.81
N ILE A 126 38.55 -24.29 24.93
CA ILE A 126 38.53 -22.90 25.38
C ILE A 126 37.18 -22.55 25.98
N ARG A 127 36.09 -22.94 25.32
CA ARG A 127 34.77 -22.59 25.81
C ARG A 127 34.46 -23.28 27.15
N ASP A 128 34.98 -24.48 27.37
CA ASP A 128 34.79 -25.14 28.66
C ASP A 128 35.63 -24.47 29.74
N ALA A 129 36.90 -24.18 29.43
CA ALA A 129 37.78 -23.53 30.39
C ALA A 129 37.33 -22.11 30.74
N ALA A 130 36.35 -21.56 30.02
CA ALA A 130 35.84 -20.23 30.31
C ALA A 130 35.14 -20.15 31.66
N ARG A 131 34.89 -21.29 32.32
CA ARG A 131 34.33 -21.24 33.66
C ARG A 131 35.30 -20.62 34.65
N GLY A 132 36.60 -20.70 34.37
CA GLY A 132 37.61 -20.03 35.16
C GLY A 132 38.14 -18.78 34.45
N ARG A 133 39.05 -18.10 35.14
CA ARG A 133 39.66 -16.89 34.61
C ARG A 133 40.89 -17.15 33.76
N GLU A 134 41.37 -18.39 33.71
CA GLU A 134 42.64 -18.69 33.04
C GLU A 134 42.81 -20.20 32.98
N PHE A 135 43.46 -20.66 31.91
CA PHE A 135 43.84 -22.06 31.78
C PHE A 135 45.37 -22.18 31.80
N SER A 136 45.85 -23.34 32.23
CA SER A 136 47.25 -23.56 32.49
C SER A 136 47.93 -24.25 31.31
N VAL A 137 49.22 -23.94 31.14
CA VAL A 137 50.09 -24.60 30.17
C VAL A 137 51.39 -24.93 30.87
N THR A 138 51.68 -26.22 31.00
CA THR A 138 52.88 -26.69 31.69
C THR A 138 53.83 -27.31 30.68
N ILE A 139 55.05 -26.80 30.63
CA ILE A 139 56.12 -27.38 29.83
C ILE A 139 56.92 -28.33 30.71
N GLU A 140 57.09 -29.57 30.25
CA GLU A 140 57.91 -30.52 30.98
C GLU A 140 59.34 -30.00 31.11
N GLY A 141 60.00 -30.35 32.21
CA GLY A 141 61.34 -29.87 32.48
C GLY A 141 61.40 -28.49 33.09
N HIS A 142 60.31 -27.73 33.10
CA HIS A 142 60.25 -26.42 33.73
C HIS A 142 59.17 -26.47 34.81
N ALA A 143 59.55 -26.10 36.04
CA ALA A 143 58.68 -26.33 37.19
C ALA A 143 57.49 -25.38 37.23
N GLU A 144 57.67 -24.12 36.84
CA GLU A 144 56.60 -23.14 36.92
C GLU A 144 55.69 -23.24 35.69
N GLU A 145 54.39 -23.31 35.93
CA GLU A 145 53.42 -23.41 34.84
C GLU A 145 52.97 -22.03 34.39
N LEU A 146 52.66 -21.91 33.10
CA LEU A 146 52.22 -20.66 32.52
C LEU A 146 50.72 -20.49 32.70
N ARG A 147 50.24 -19.27 32.43
CA ARG A 147 48.83 -18.93 32.60
C ARG A 147 48.36 -18.14 31.40
N VAL A 148 47.27 -18.57 30.78
CA VAL A 148 46.67 -17.88 29.64
C VAL A 148 45.21 -17.60 29.97
N ALA A 149 44.79 -16.35 29.76
CA ALA A 149 43.44 -15.94 30.10
C ALA A 149 42.47 -16.40 29.02
N VAL A 150 41.48 -17.20 29.41
CA VAL A 150 40.50 -17.72 28.45
C VAL A 150 39.63 -16.59 27.94
N PRO A 151 39.31 -16.53 26.65
CA PRO A 151 38.44 -15.47 26.15
C PRO A 151 37.01 -15.65 26.60
N SER A 152 36.34 -14.52 26.83
CA SER A 152 34.92 -14.53 27.16
C SER A 152 34.09 -14.82 25.92
N PHE A 153 32.79 -15.04 26.15
CA PHE A 153 31.86 -15.13 25.02
C PHE A 153 31.85 -13.84 24.23
N LYS A 154 31.86 -12.70 24.92
CA LYS A 154 31.89 -11.41 24.25
C LYS A 154 33.19 -11.22 23.48
N ASP A 155 34.30 -11.76 24.02
CA ASP A 155 35.57 -11.69 23.31
C ASP A 155 35.50 -12.43 21.98
N ARG A 156 34.99 -13.66 22.01
CA ARG A 156 34.95 -14.49 20.80
C ARG A 156 34.09 -13.88 19.71
N THR A 157 33.11 -13.06 20.08
CA THR A 157 32.18 -12.46 19.12
C THR A 157 32.36 -10.95 19.01
N TYR A 158 33.59 -10.46 19.22
CA TYR A 158 33.84 -9.03 19.13
C TYR A 158 33.64 -8.52 17.71
N TYR A 159 34.38 -9.10 16.76
CA TYR A 159 34.27 -8.64 15.38
C TYR A 159 32.89 -8.89 14.81
N MET A 160 32.20 -9.92 15.29
CA MET A 160 30.85 -10.21 14.82
C MET A 160 29.85 -9.20 15.38
N ARG A 161 29.93 -8.92 16.68
CA ARG A 161 29.07 -7.92 17.27
C ARG A 161 29.35 -6.53 16.69
N MET A 162 30.63 -6.17 16.61
CA MET A 162 31.01 -4.86 16.06
CA MET A 162 30.98 -4.86 16.07
C MET A 162 30.58 -4.72 14.60
N ARG A 163 30.53 -5.84 13.87
CA ARG A 163 30.06 -5.79 12.49
C ARG A 163 28.53 -5.83 12.43
N LEU A 164 27.89 -6.45 13.42
CA LEU A 164 26.42 -6.42 13.48
C LEU A 164 25.92 -5.02 13.79
N ARG A 165 26.60 -4.31 14.70
CA ARG A 165 26.27 -2.91 14.95
C ARG A 165 26.47 -2.08 13.69
N ARG A 166 27.52 -2.39 12.92
CA ARG A 166 27.75 -1.66 11.67
C ARG A 166 26.68 -2.00 10.64
N MET A 167 26.23 -3.25 10.60
CA MET A 167 25.21 -3.65 9.63
C MET A 167 23.86 -3.01 9.96
N SER A 168 23.46 -3.05 11.23
CA SER A 168 22.16 -2.51 11.61
C SER A 168 22.07 -1.00 11.48
N GLN A 169 23.21 -0.31 11.40
CA GLN A 169 23.20 1.14 11.24
C GLN A 169 23.13 1.57 9.79
N GLU A 170 23.80 0.84 8.89
CA GLU A 170 23.64 1.11 7.47
C GLU A 170 22.24 0.77 6.98
N ILE A 171 21.62 -0.25 7.59
CA ILE A 171 20.26 -0.62 7.21
C ILE A 171 19.28 0.51 7.52
N ASP A 172 19.49 1.21 8.64
CA ASP A 172 18.62 2.33 8.98
C ASP A 172 18.85 3.51 8.05
N GLN A 173 20.11 3.81 7.72
CA GLN A 173 20.41 4.85 6.75
C GLN A 173 19.82 4.52 5.39
N MET A 174 19.53 3.24 5.13
CA MET A 174 18.90 2.82 3.88
C MET A 174 17.40 2.60 4.01
N ALA A 175 16.90 2.37 5.23
CA ALA A 175 15.47 2.14 5.40
C ALA A 175 14.68 3.45 5.46
N THR A 176 15.28 4.49 6.04
CA THR A 176 14.57 5.76 6.19
C THR A 176 14.37 6.47 4.85
N VAL A 177 15.11 6.10 3.81
CA VAL A 177 14.86 6.65 2.49
C VAL A 177 13.82 5.83 1.72
N LYS A 178 13.74 4.52 1.97
CA LYS A 178 12.59 3.77 1.51
C LYS A 178 11.33 4.16 2.28
N ARG A 179 11.48 4.60 3.52
CA ARG A 179 10.34 5.06 4.30
C ARG A 179 9.73 6.31 3.69
N GLU A 180 10.56 7.31 3.39
CA GLU A 180 10.06 8.54 2.78
C GLU A 180 9.60 8.30 1.34
N CYS A 181 10.21 7.33 0.65
CA CYS A 181 9.75 6.99 -0.69
C CYS A 181 8.37 6.34 -0.65
N ASP A 182 8.09 5.56 0.39
CA ASP A 182 6.82 4.86 0.52
C ASP A 182 5.76 5.67 1.26
N LEU A 183 6.09 6.88 1.72
CA LEU A 183 5.10 7.79 2.27
C LEU A 183 4.80 8.98 1.37
N LEU A 184 5.74 9.38 0.53
CA LEU A 184 5.49 10.36 -0.52
C LEU A 184 4.86 9.74 -1.75
N ALA A 185 4.38 8.50 -1.64
CA ALA A 185 3.62 7.84 -2.69
C ALA A 185 2.18 7.57 -2.31
N HIS A 186 1.75 8.01 -1.12
CA HIS A 186 0.38 7.84 -0.66
C HIS A 186 -0.44 9.12 -0.77
N LYS A 187 0.15 10.27 -0.49
CA LYS A 187 -0.57 11.53 -0.64
C LYS A 187 -0.98 11.77 -2.09
N GLY A 188 -0.20 11.27 -3.04
CA GLY A 188 -0.52 11.41 -4.45
C GLY A 188 -1.49 10.35 -4.93
N ALA A 189 -1.33 9.11 -4.45
CA ALA A 189 -2.20 8.03 -4.86
C ALA A 189 -3.58 8.10 -4.21
N HIS A 190 -3.75 8.91 -3.16
CA HIS A 190 -5.04 9.11 -2.52
C HIS A 190 -5.73 10.38 -2.99
N ALA A 191 -5.37 10.89 -4.17
CA ALA A 191 -5.97 12.11 -4.67
C ALA A 191 -7.38 11.85 -5.20
N LEU A 192 -7.61 10.71 -5.84
CA LEU A 192 -8.94 10.37 -6.30
C LEU A 192 -9.87 9.94 -5.17
N ALA A 193 -9.33 9.70 -3.98
CA ALA A 193 -10.17 9.42 -2.82
C ALA A 193 -10.70 10.71 -2.20
N LYS A 194 -9.85 11.74 -2.11
CA LYS A 194 -10.33 13.05 -1.66
C LYS A 194 -11.26 13.66 -2.71
N GLY A 195 -10.94 13.48 -3.99
CA GLY A 195 -11.82 13.96 -5.04
C GLY A 195 -13.16 13.26 -5.05
N GLY A 196 -13.20 11.99 -4.63
CA GLY A 196 -14.47 11.31 -4.51
C GLY A 196 -15.31 11.87 -3.37
N PHE A 197 -14.66 12.25 -2.27
CA PHE A 197 -15.39 12.91 -1.18
C PHE A 197 -15.91 14.27 -1.61
N ALA A 198 -15.09 15.04 -2.34
CA ALA A 198 -15.53 16.34 -2.83
C ALA A 198 -16.71 16.20 -3.80
N ALA A 199 -16.73 15.12 -4.59
CA ALA A 199 -17.84 14.90 -5.51
C ALA A 199 -19.14 14.66 -4.76
N LEU A 200 -19.08 13.93 -3.64
CA LEU A 200 -20.29 13.66 -2.87
C LEU A 200 -20.76 14.91 -2.13
N ALA A 201 -19.83 15.62 -1.48
CA ALA A 201 -20.20 16.84 -0.77
C ALA A 201 -20.73 17.90 -1.74
N ALA A 202 -20.13 17.99 -2.93
CA ALA A 202 -20.67 18.89 -3.94
C ALA A 202 -22.03 18.39 -4.44
N TRP A 203 -22.21 17.07 -4.52
CA TRP A 203 -23.51 16.53 -4.90
C TRP A 203 -24.53 16.75 -3.78
N TRP A 204 -24.08 16.69 -2.53
CA TRP A 204 -24.95 17.05 -1.40
C TRP A 204 -25.48 18.46 -1.57
N GLY A 205 -24.59 19.44 -1.78
CA GLY A 205 -25.00 20.82 -1.89
C GLY A 205 -26.00 21.06 -2.99
N ILE A 206 -25.91 20.31 -4.09
CA ILE A 206 -26.91 20.42 -5.14
C ILE A 206 -28.26 19.92 -4.65
N VAL A 207 -28.27 18.78 -3.96
CA VAL A 207 -29.53 18.21 -3.49
C VAL A 207 -30.10 19.06 -2.35
N TYR A 208 -29.26 19.51 -1.43
CA TYR A 208 -29.75 20.33 -0.32
C TYR A 208 -30.33 21.65 -0.83
N TYR A 209 -29.64 22.29 -1.77
CA TYR A 209 -30.08 23.59 -2.26
C TYR A 209 -31.43 23.48 -2.96
N VAL A 210 -31.57 22.53 -3.89
CA VAL A 210 -32.78 22.45 -4.69
C VAL A 210 -34.00 22.16 -3.84
N THR A 211 -33.82 21.38 -2.77
CA THR A 211 -34.96 21.06 -1.91
C THR A 211 -35.33 22.23 -1.01
N PHE A 212 -34.34 22.86 -0.37
CA PHE A 212 -34.58 23.88 0.63
C PHE A 212 -34.43 25.30 0.11
N HIS A 213 -34.03 25.48 -1.15
CA HIS A 213 -33.88 26.82 -1.71
C HIS A 213 -34.47 26.93 -3.12
N THR A 214 -35.42 26.06 -3.48
CA THR A 214 -35.98 26.08 -4.82
C THR A 214 -37.38 25.48 -4.76
N ASP A 215 -38.25 25.98 -5.66
CA ASP A 215 -39.67 25.63 -5.60
C ASP A 215 -39.91 24.16 -5.92
N MET A 216 -39.14 23.60 -6.86
CA MET A 216 -39.39 22.23 -7.29
C MET A 216 -39.24 21.25 -6.13
N GLY A 217 -40.07 20.21 -6.15
CA GLY A 217 -40.19 19.30 -5.03
C GLY A 217 -39.50 17.96 -5.26
N TRP A 218 -39.72 17.06 -4.30
CA TRP A 218 -39.10 15.74 -4.33
C TRP A 218 -39.59 14.90 -5.49
N ASP A 219 -40.72 15.26 -6.11
CA ASP A 219 -41.21 14.54 -7.27
C ASP A 219 -40.23 14.61 -8.43
N LEU A 220 -39.46 15.69 -8.53
CA LEU A 220 -38.54 15.92 -9.64
C LEU A 220 -37.12 15.47 -9.35
N VAL A 221 -36.62 15.70 -8.12
CA VAL A 221 -35.21 15.51 -7.86
C VAL A 221 -34.88 14.05 -7.55
N GLU A 222 -35.79 13.34 -6.88
CA GLU A 222 -35.48 11.98 -6.44
C GLU A 222 -35.09 11.05 -7.60
N PRO A 223 -35.80 11.02 -8.73
CA PRO A 223 -35.32 10.19 -9.85
C PRO A 223 -33.91 10.54 -10.27
N ILE A 224 -33.57 11.84 -10.33
CA ILE A 224 -32.20 12.24 -10.63
C ILE A 224 -31.22 11.62 -9.64
N THR A 225 -31.60 11.60 -8.35
CA THR A 225 -30.75 10.97 -7.36
C THR A 225 -30.66 9.47 -7.57
N TYR A 226 -31.69 8.85 -8.13
CA TYR A 226 -31.64 7.42 -8.44
C TYR A 226 -30.80 7.17 -9.69
N LEU A 227 -31.02 7.95 -10.76
CA LEU A 227 -30.21 7.79 -11.95
C LEU A 227 -28.74 8.10 -11.69
N ALA A 228 -28.46 9.02 -10.76
CA ALA A 228 -27.09 9.31 -10.38
C ALA A 228 -26.51 8.19 -9.52
N GLY A 229 -27.34 7.55 -8.70
CA GLY A 229 -26.86 6.44 -7.90
C GLY A 229 -26.42 5.27 -8.75
N LEU A 230 -27.24 4.91 -9.74
CA LEU A 230 -26.85 3.85 -10.68
C LEU A 230 -25.62 4.24 -11.49
N ALA A 231 -25.45 5.54 -11.76
CA ALA A 231 -24.28 5.99 -12.50
C ALA A 231 -23.01 5.76 -11.70
N SER A 232 -23.02 6.10 -10.41
CA SER A 232 -21.86 5.87 -9.56
C SER A 232 -21.57 4.39 -9.39
N ILE A 233 -22.61 3.55 -9.36
CA ILE A 233 -22.41 2.11 -9.28
C ILE A 233 -21.74 1.60 -10.55
N MET A 234 -22.20 2.07 -11.72
CA MET A 234 -21.59 1.65 -12.97
C MET A 234 -20.21 2.24 -13.14
N GLY A 235 -19.98 3.46 -12.63
CA GLY A 235 -18.64 4.02 -12.65
C GLY A 235 -17.65 3.17 -11.86
N GLY A 236 -18.10 2.61 -10.73
CA GLY A 236 -17.30 1.65 -10.01
C GLY A 236 -17.18 0.31 -10.69
N TYR A 237 -18.12 -0.03 -11.57
CA TYR A 237 -18.02 -1.26 -12.34
C TYR A 237 -17.00 -1.12 -13.46
N LEU A 238 -16.96 0.05 -14.11
CA LEU A 238 -15.91 0.33 -15.08
C LEU A 238 -14.57 0.56 -14.39
N TRP A 239 -14.57 0.86 -13.09
CA TRP A 239 -13.33 1.04 -12.35
C TRP A 239 -12.75 -0.30 -11.92
N PHE A 240 -13.59 -1.18 -11.38
CA PHE A 240 -13.16 -2.54 -11.10
C PHE A 240 -12.89 -3.36 -12.36
N LEU A 241 -13.14 -2.78 -13.54
CA LEU A 241 -12.85 -3.40 -14.84
C LEU A 241 -11.54 -2.91 -15.39
N PHE A 242 -10.65 -2.45 -14.53
CA PHE A 242 -9.33 -1.97 -14.94
C PHE A 242 -8.30 -2.88 -14.25
N ILE A 243 -7.34 -2.30 -13.52
CA ILE A 243 -6.38 -3.05 -12.70
C ILE A 243 -6.78 -3.10 -11.24
N SER A 244 -7.97 -2.61 -10.89
CA SER A 244 -8.41 -2.60 -9.51
C SER A 244 -8.65 -4.02 -8.98
N ARG A 245 -8.98 -4.94 -9.87
CA ARG A 245 -9.22 -6.32 -9.45
C ARG A 245 -7.94 -6.97 -8.96
N ASP A 246 -8.10 -7.89 -8.01
CA ASP A 246 -6.99 -8.63 -7.39
C ASP A 246 -6.05 -7.60 -6.77
N LEU A 247 -4.75 -7.64 -7.06
CA LEU A 247 -3.78 -6.73 -6.44
C LEU A 247 -3.23 -5.81 -7.52
N SER A 248 -3.56 -4.52 -7.41
CA SER A 248 -2.95 -3.49 -8.25
C SER A 248 -1.61 -3.02 -7.71
N TYR A 249 -1.09 -3.70 -6.68
CA TYR A 249 0.17 -3.30 -6.07
C TYR A 249 1.33 -3.31 -7.06
N LYS A 250 1.22 -4.07 -8.15
CA LYS A 250 2.25 -4.00 -9.19
C LYS A 250 2.30 -2.60 -9.81
N ALA A 251 1.14 -1.98 -10.01
CA ALA A 251 1.12 -0.61 -10.50
C ALA A 251 1.65 0.35 -9.44
N ALA A 252 1.37 0.07 -8.17
CA ALA A 252 1.93 0.89 -7.09
C ALA A 252 3.43 0.63 -6.91
N MET A 253 3.90 -0.58 -7.21
CA MET A 253 5.32 -0.86 -7.11
C MET A 253 6.11 -0.14 -8.19
N ASN A 254 5.52 0.09 -9.35
CA ASN A 254 6.21 0.81 -10.41
C ASN A 254 6.46 2.26 -10.03
N VAL A 255 5.48 2.90 -9.38
CA VAL A 255 5.68 4.27 -8.93
C VAL A 255 6.71 4.34 -7.81
N THR A 256 6.77 3.32 -6.96
CA THR A 256 7.76 3.28 -5.90
C THR A 256 9.15 3.01 -6.46
N VAL A 257 9.24 2.15 -7.48
CA VAL A 257 10.54 1.87 -8.10
C VAL A 257 11.11 3.09 -8.79
N SER A 258 10.24 3.91 -9.42
CA SER A 258 10.72 5.12 -10.06
C SER A 258 11.20 6.15 -9.04
N ARG A 259 10.60 6.15 -7.85
CA ARG A 259 11.00 7.10 -6.82
C ARG A 259 12.33 6.74 -6.17
N ARG A 260 12.79 5.50 -6.35
CA ARG A 260 14.02 5.04 -5.71
C ARG A 260 15.19 5.19 -6.69
N GLN A 261 15.49 6.45 -7.00
CA GLN A 261 16.61 6.75 -7.87
C GLN A 261 17.93 6.68 -7.09
N ASN A 262 18.98 6.29 -7.79
CA ASN A 262 20.30 6.12 -7.19
C ASN A 262 20.92 7.48 -6.88
N ALA A 263 21.73 7.52 -5.82
CA ALA A 263 22.43 8.72 -5.41
C ALA A 263 23.92 8.43 -5.26
N LEU A 264 24.74 9.34 -5.74
CA LEU A 264 26.20 9.24 -5.65
C LEU A 264 26.74 10.08 -4.51
N TYR A 265 26.08 10.05 -3.35
CA TYR A 265 26.45 10.95 -2.27
C TYR A 265 27.60 10.39 -1.45
N GLN A 266 27.53 9.10 -1.11
CA GLN A 266 28.52 8.44 -0.28
C GLN A 266 29.15 7.30 -1.05
N GLU A 267 30.49 7.23 -1.04
CA GLU A 267 31.21 6.15 -1.70
C GLU A 267 30.88 4.80 -1.08
N ARG A 268 31.06 4.68 0.23
CA ARG A 268 30.66 3.50 0.97
C ARG A 268 29.41 3.81 1.77
N GLY A 269 28.50 2.84 1.85
CA GLY A 269 27.19 3.02 2.46
C GLY A 269 26.47 4.21 1.82
N PHE A 270 26.23 4.08 0.52
CA PHE A 270 25.66 5.17 -0.27
C PHE A 270 24.29 5.56 0.28
N ASP A 271 24.10 6.86 0.47
CA ASP A 271 22.87 7.37 1.05
C ASP A 271 21.84 7.68 -0.03
N PRO A 272 20.57 7.77 0.40
CA PRO A 272 19.47 8.25 -0.43
C PRO A 272 19.31 7.42 -1.70
N ALA A 273 19.23 6.10 -1.53
CA ALA A 273 19.03 5.20 -2.66
C ALA A 273 18.43 3.90 -2.14
N LYS A 274 18.16 2.98 -3.06
CA LYS A 274 17.53 1.71 -2.70
C LYS A 274 17.87 0.68 -3.77
N TRP A 275 18.08 -0.57 -3.32
CA TRP A 275 18.41 -1.65 -4.24
C TRP A 275 18.21 -3.00 -3.56
N ASP A 276 19.22 -3.87 -3.62
CA ASP A 276 19.16 -5.19 -3.01
C ASP A 276 19.51 -5.07 -1.54
N GLN A 277 18.48 -4.89 -0.71
CA GLN A 277 18.66 -4.77 0.73
C GLN A 277 18.99 -6.13 1.31
N LEU A 278 20.27 -6.37 1.61
CA LEU A 278 20.71 -7.64 2.19
C LEU A 278 20.64 -7.51 3.72
N VAL A 279 19.42 -7.64 4.24
CA VAL A 279 19.21 -7.66 5.68
C VAL A 279 19.34 -9.08 6.24
N HIS A 280 19.16 -10.10 5.41
CA HIS A 280 19.27 -11.48 5.85
C HIS A 280 20.69 -11.83 6.31
N ASP A 281 21.69 -11.02 5.98
CA ASP A 281 23.02 -11.21 6.55
C ASP A 281 23.11 -10.63 7.95
N ALA A 282 22.40 -9.52 8.21
CA ALA A 282 22.31 -9.02 9.58
C ALA A 282 21.55 -9.99 10.48
N ASN A 283 20.58 -10.72 9.91
CA ASN A 283 19.91 -11.77 10.67
C ASN A 283 20.76 -13.04 10.71
N GLY A 284 21.40 -13.37 9.60
CA GLY A 284 22.29 -14.53 9.59
C GLY A 284 23.48 -14.36 10.52
N LEU A 285 23.91 -13.11 10.74
CA LEU A 285 24.97 -12.86 11.70
C LEU A 285 24.46 -12.93 13.13
N ARG A 286 23.23 -12.47 13.36
CA ARG A 286 22.65 -12.56 14.70
C ARG A 286 22.40 -14.01 15.10
N ARG A 287 22.03 -14.86 14.14
CA ARG A 287 21.91 -16.29 14.44
C ARG A 287 23.24 -16.89 14.84
N GLU A 288 24.35 -16.35 14.31
CA GLU A 288 25.66 -16.84 14.69
C GLU A 288 26.03 -16.42 16.11
N ILE A 289 25.73 -15.16 16.46
CA ILE A 289 26.11 -14.66 17.78
C ILE A 289 25.29 -15.32 18.88
N LYS A 290 24.01 -15.60 18.60
CA LYS A 290 23.17 -16.25 19.60
C LYS A 290 23.50 -17.72 19.75
N PHE A 291 23.88 -18.40 18.66
CA PHE A 291 24.32 -19.79 18.77
C PHE A 291 25.61 -19.89 19.58
N ALA A 292 26.49 -18.89 19.46
CA ALA A 292 27.70 -18.87 20.27
C ALA A 292 27.37 -18.64 21.75
N ALA A 293 26.35 -17.82 22.02
CA ALA A 293 25.96 -17.57 23.40
C ALA A 293 25.36 -18.81 24.04
N THR A 294 24.73 -19.68 23.25
CA THR A 294 24.10 -20.87 23.80
C THR A 294 25.15 -21.89 24.22
N GLU A 295 26.17 -22.12 23.38
CA GLU A 295 27.19 -23.11 23.73
C GLU A 295 28.05 -22.63 24.88
N TYR A 296 28.19 -21.31 25.06
CA TYR A 296 28.80 -20.79 26.28
C TYR A 296 27.81 -20.74 27.44
N GLY A 297 26.53 -20.93 27.19
CA GLY A 297 25.53 -20.98 28.25
C GLY A 297 25.09 -19.64 28.78
N VAL A 298 24.95 -18.64 27.90
CA VAL A 298 24.56 -17.29 28.30
C VAL A 298 23.43 -16.81 27.39
N GLU A 299 22.78 -15.74 27.84
CA GLU A 299 21.72 -15.10 27.07
C GLU A 299 22.30 -13.95 26.24
N TRP A 300 21.62 -13.65 25.13
CA TRP A 300 22.02 -12.52 24.30
C TRP A 300 20.86 -12.05 23.44
N LYS B 3 50.92 -37.53 -10.37
CA LYS B 3 50.14 -36.32 -10.21
C LYS B 3 48.81 -36.61 -9.52
N GLY B 4 48.57 -35.96 -8.38
CA GLY B 4 47.35 -36.17 -7.64
C GLY B 4 46.20 -35.31 -8.14
N ARG B 5 45.00 -35.63 -7.65
CA ARG B 5 43.79 -34.91 -8.01
C ARG B 5 42.94 -34.73 -6.77
N LEU B 6 42.26 -33.59 -6.69
CA LEU B 6 41.31 -33.30 -5.62
C LEU B 6 39.94 -33.12 -6.23
N LEU B 7 39.01 -34.01 -5.88
CA LEU B 7 37.70 -34.06 -6.50
C LEU B 7 36.63 -33.58 -5.52
N THR B 8 35.54 -33.06 -6.08
CA THR B 8 34.40 -32.59 -5.31
C THR B 8 33.29 -33.64 -5.30
N THR B 9 32.58 -33.70 -4.19
CA THR B 9 31.53 -34.68 -3.96
C THR B 9 30.19 -33.97 -3.78
N PRO B 10 29.07 -34.70 -3.88
CA PRO B 10 27.76 -34.05 -3.67
C PRO B 10 27.59 -33.40 -2.31
N THR B 11 28.29 -33.88 -1.28
CA THR B 11 28.26 -33.25 0.02
C THR B 11 29.38 -32.22 0.11
N ARG B 12 29.62 -31.69 1.31
CA ARG B 12 30.67 -30.69 1.48
C ARG B 12 32.07 -31.29 1.39
N LEU B 13 32.22 -32.58 1.66
CA LEU B 13 33.54 -33.21 1.70
C LEU B 13 34.25 -33.10 0.35
N LEU B 14 35.57 -33.19 0.40
CA LEU B 14 36.43 -33.11 -0.77
C LEU B 14 37.23 -34.42 -0.87
N LYS B 15 36.96 -35.20 -1.91
CA LYS B 15 37.68 -36.44 -2.14
C LYS B 15 39.04 -36.13 -2.72
N LEU B 16 40.10 -36.62 -2.06
CA LEU B 16 41.47 -36.31 -2.44
C LEU B 16 42.18 -37.61 -2.81
N ILE B 17 42.66 -37.70 -4.06
CA ILE B 17 43.39 -38.86 -4.55
C ILE B 17 44.82 -38.43 -4.84
N LEU B 18 45.79 -39.17 -4.30
CA LEU B 18 47.20 -38.90 -4.52
C LEU B 18 47.99 -40.17 -4.21
N PRO B 19 49.18 -40.34 -4.79
CA PRO B 19 50.04 -41.47 -4.45
C PRO B 19 50.49 -41.46 -3.00
N PRO B 46 47.70 -45.30 -5.97
CA PRO B 46 46.83 -44.17 -5.64
C PRO B 46 46.03 -44.39 -4.35
N LEU B 47 46.01 -43.38 -3.50
CA LEU B 47 45.32 -43.45 -2.21
C LEU B 47 44.28 -42.33 -2.13
N ALA B 48 43.06 -42.69 -1.78
CA ALA B 48 41.95 -41.75 -1.67
C ALA B 48 41.63 -41.49 -0.20
N LEU B 49 41.25 -40.25 0.09
CA LEU B 49 40.84 -39.86 1.43
C LEU B 49 39.99 -38.61 1.34
N LEU B 50 39.07 -38.47 2.30
CA LEU B 50 38.10 -37.38 2.31
C LEU B 50 38.47 -36.34 3.36
N VAL B 51 38.35 -35.07 3.00
CA VAL B 51 38.60 -33.96 3.90
C VAL B 51 37.45 -32.97 3.79
N HIS B 52 37.31 -32.13 4.82
CA HIS B 52 36.24 -31.16 4.93
C HIS B 52 36.80 -29.75 4.70
N PRO B 53 36.14 -28.93 3.89
CA PRO B 53 36.68 -27.59 3.60
C PRO B 53 36.86 -26.70 4.82
N GLN B 54 36.11 -26.94 5.89
CA GLN B 54 36.20 -26.13 7.09
C GLN B 54 37.33 -26.57 8.02
N GLN B 55 38.10 -27.60 7.65
CA GLN B 55 39.16 -28.08 8.52
C GLN B 55 40.51 -27.52 8.08
N PRO B 56 41.43 -27.31 9.01
CA PRO B 56 42.73 -26.73 8.65
C PRO B 56 43.58 -27.69 7.84
N LEU B 57 44.59 -27.12 7.19
CA LEU B 57 45.57 -27.94 6.46
C LEU B 57 46.28 -28.91 7.40
N SER B 58 46.38 -28.56 8.69
CA SER B 58 47.02 -29.45 9.65
C SER B 58 46.27 -30.75 9.80
N TYR B 59 44.95 -30.75 9.54
CA TYR B 59 44.21 -32.01 9.54
C TYR B 59 44.61 -32.86 8.34
N LEU B 60 44.75 -32.25 7.17
CA LEU B 60 45.17 -32.99 5.99
C LEU B 60 46.57 -33.55 6.17
N GLU B 61 47.45 -32.80 6.82
CA GLU B 61 48.86 -33.21 6.90
C GLU B 61 49.04 -34.43 7.79
N ARG B 62 48.29 -34.51 8.89
CA ARG B 62 48.40 -35.68 9.75
C ARG B 62 47.64 -36.87 9.20
N LEU B 63 46.70 -36.64 8.27
CA LEU B 63 46.13 -37.74 7.50
C LEU B 63 47.19 -38.37 6.60
N ILE B 64 47.95 -37.54 5.91
CA ILE B 64 49.02 -38.04 5.04
C ILE B 64 50.13 -38.66 5.88
N GLN B 65 50.43 -38.07 7.04
CA GLN B 65 51.44 -38.64 7.93
C GLN B 65 51.05 -40.03 8.41
N ALA B 66 49.75 -40.31 8.51
CA ALA B 66 49.32 -41.61 9.02
C ALA B 66 49.51 -42.73 7.99
N GLU B 67 49.46 -42.40 6.70
CA GLU B 67 49.59 -43.41 5.65
C GLU B 67 51.01 -43.48 5.08
N ILE B 68 52.00 -42.95 5.78
CA ILE B 68 53.40 -43.04 5.34
C ILE B 68 54.27 -43.44 6.51
N PRO B 69 55.40 -44.08 6.24
CA PRO B 69 56.27 -44.56 7.32
C PRO B 69 56.87 -43.40 8.08
N PRO B 70 57.23 -43.60 9.35
CA PRO B 70 57.85 -42.51 10.12
C PRO B 70 59.26 -42.25 9.63
N LEU B 71 59.71 -41.02 9.84
CA LEU B 71 61.07 -40.62 9.51
C LEU B 71 61.98 -40.85 10.71
N LEU B 72 63.07 -41.57 10.48
CA LEU B 72 64.03 -41.90 11.53
C LEU B 72 65.20 -40.92 11.48
N VAL B 73 65.35 -40.14 12.54
CA VAL B 73 66.46 -39.20 12.68
C VAL B 73 67.32 -39.68 13.84
N LYS B 74 68.50 -40.22 13.51
CA LYS B 74 69.44 -40.76 14.49
C LYS B 74 68.82 -41.92 15.28
N ASP B 75 68.36 -41.65 16.50
CA ASP B 75 67.93 -42.71 17.41
C ASP B 75 66.44 -42.75 17.68
N ARG B 76 65.66 -41.77 17.21
CA ARG B 76 64.23 -41.77 17.42
C ARG B 76 63.53 -41.40 16.13
N GLU B 77 62.30 -41.91 15.97
CA GLU B 77 61.51 -41.65 14.77
C GLU B 77 60.62 -40.43 14.98
N LYS B 78 60.31 -39.77 13.87
CA LYS B 78 59.54 -38.52 13.90
C LYS B 78 58.52 -38.53 12.77
N LEU B 79 57.33 -38.02 13.07
CA LEU B 79 56.33 -37.80 12.03
C LEU B 79 56.84 -36.72 11.08
N PRO B 80 57.05 -37.02 9.80
CA PRO B 80 57.64 -36.02 8.91
C PRO B 80 56.68 -34.87 8.62
N GLU B 81 57.23 -33.66 8.60
CA GLU B 81 56.45 -32.47 8.33
C GLU B 81 56.23 -32.31 6.83
N ILE B 82 54.97 -32.17 6.43
CA ILE B 82 54.61 -31.90 5.05
C ILE B 82 54.07 -30.47 4.97
N ILE B 83 54.38 -29.79 3.87
CA ILE B 83 54.06 -28.38 3.70
C ILE B 83 53.35 -28.18 2.37
N PHE B 84 52.46 -27.19 2.33
CA PHE B 84 51.62 -26.93 1.17
C PHE B 84 51.96 -25.56 0.58
N ARG B 85 52.23 -25.55 -0.72
CA ARG B 85 52.50 -24.32 -1.47
C ARG B 85 51.49 -24.20 -2.60
N ALA B 86 51.06 -22.97 -2.91
CA ALA B 86 49.88 -22.79 -3.74
C ALA B 86 49.87 -21.58 -4.67
N GLU B 87 50.94 -20.77 -4.70
CA GLU B 87 50.97 -19.45 -5.35
C GLU B 87 50.22 -18.44 -4.51
N HIS B 112 54.23 -17.02 -7.09
CA HIS B 112 55.60 -17.17 -6.61
C HIS B 112 55.76 -18.47 -5.83
N TRP B 113 54.64 -19.15 -5.59
CA TRP B 113 54.61 -20.42 -4.87
C TRP B 113 55.12 -20.25 -3.44
N VAL B 114 54.23 -19.91 -2.52
CA VAL B 114 54.58 -19.68 -1.13
C VAL B 114 53.90 -20.73 -0.26
N ARG B 115 54.57 -21.11 0.81
CA ARG B 115 54.00 -22.07 1.76
C ARG B 115 52.81 -21.45 2.48
N TRP B 116 51.88 -22.30 2.88
CA TRP B 116 50.70 -21.87 3.63
C TRP B 116 50.77 -22.45 5.04
N SER B 117 50.10 -21.75 5.97
CA SER B 117 50.41 -21.89 7.39
C SER B 117 50.15 -23.31 7.89
N GLY B 118 48.96 -23.85 7.61
CA GLY B 118 48.49 -25.08 8.21
C GLY B 118 47.31 -24.88 9.13
N SER B 119 47.22 -23.72 9.78
CA SER B 119 46.00 -23.31 10.45
C SER B 119 44.98 -22.74 9.50
N THR B 120 45.41 -22.31 8.31
CA THR B 120 44.47 -21.87 7.29
C THR B 120 43.59 -23.03 6.86
N GLU B 121 42.31 -22.73 6.64
CA GLU B 121 41.34 -23.77 6.32
C GLU B 121 41.58 -24.31 4.91
N ILE B 122 41.22 -25.58 4.72
CA ILE B 122 41.40 -26.23 3.42
C ILE B 122 40.61 -25.51 2.34
N GLY B 123 39.39 -25.08 2.68
CA GLY B 123 38.56 -24.39 1.70
C GLY B 123 39.21 -23.12 1.18
N ASP B 124 39.74 -22.29 2.08
CA ASP B 124 40.45 -21.09 1.65
C ASP B 124 41.68 -21.45 0.82
N PHE B 125 42.35 -22.55 1.17
CA PHE B 125 43.57 -22.94 0.48
C PHE B 125 43.27 -23.53 -0.90
N ILE B 126 42.22 -24.34 -1.00
CA ILE B 126 41.80 -24.86 -2.31
C ILE B 126 41.37 -23.71 -3.21
N ARG B 127 40.74 -22.69 -2.64
CA ARG B 127 40.21 -21.58 -3.42
C ARG B 127 41.33 -20.78 -4.09
N ASP B 128 42.40 -20.47 -3.35
CA ASP B 128 43.47 -19.67 -3.90
C ASP B 128 44.45 -20.47 -4.74
N ALA B 129 44.43 -21.79 -4.64
CA ALA B 129 45.22 -22.63 -5.53
C ALA B 129 44.60 -22.76 -6.92
N ALA B 130 43.34 -22.34 -7.09
CA ALA B 130 42.68 -22.47 -8.38
C ALA B 130 43.22 -21.48 -9.39
N ARG B 131 43.78 -20.36 -8.93
CA ARG B 131 44.39 -19.41 -9.86
C ARG B 131 45.60 -20.03 -10.57
N GLY B 132 46.33 -20.91 -9.88
CA GLY B 132 47.41 -21.66 -10.50
C GLY B 132 46.94 -23.03 -10.94
N ARG B 133 45.69 -23.36 -10.61
CA ARG B 133 45.00 -24.58 -10.99
C ARG B 133 45.59 -25.84 -10.37
N GLU B 134 46.49 -25.71 -9.40
CA GLU B 134 47.09 -26.83 -8.68
C GLU B 134 47.97 -26.26 -7.57
N PHE B 135 48.19 -27.07 -6.54
CA PHE B 135 49.08 -26.71 -5.44
C PHE B 135 50.08 -27.83 -5.18
N SER B 136 51.06 -27.54 -4.34
CA SER B 136 52.19 -28.42 -4.09
C SER B 136 52.10 -29.06 -2.71
N VAL B 137 52.64 -30.26 -2.59
CA VAL B 137 52.79 -30.98 -1.33
C VAL B 137 54.20 -31.56 -1.29
N THR B 138 54.97 -31.18 -0.28
CA THR B 138 56.34 -31.64 -0.11
C THR B 138 56.47 -32.29 1.25
N ILE B 139 56.91 -33.55 1.27
CA ILE B 139 57.10 -34.30 2.50
C ILE B 139 58.54 -34.16 2.96
N GLU B 140 58.73 -34.05 4.27
CA GLU B 140 60.08 -33.93 4.82
C GLU B 140 60.90 -35.17 4.51
N GLY B 141 62.15 -34.97 4.14
CA GLY B 141 63.03 -36.07 3.77
C GLY B 141 62.93 -36.46 2.31
N HIS B 142 61.72 -36.69 1.82
CA HIS B 142 61.52 -36.99 0.41
C HIS B 142 61.80 -35.74 -0.41
N ALA B 143 62.71 -35.87 -1.39
CA ALA B 143 63.20 -34.70 -2.11
C ALA B 143 62.22 -34.16 -3.13
N GLU B 144 61.38 -35.02 -3.70
CA GLU B 144 60.46 -34.59 -4.76
C GLU B 144 59.11 -34.20 -4.19
N GLU B 145 58.44 -33.27 -4.87
CA GLU B 145 57.16 -32.73 -4.46
C GLU B 145 56.04 -33.29 -5.31
N LEU B 146 54.85 -33.36 -4.72
CA LEU B 146 53.65 -33.83 -5.39
C LEU B 146 52.79 -32.63 -5.77
N ARG B 147 52.30 -32.63 -7.01
CA ARG B 147 51.40 -31.59 -7.50
C ARG B 147 50.02 -32.20 -7.70
N VAL B 148 49.01 -31.61 -7.07
CA VAL B 148 47.63 -32.07 -7.13
C VAL B 148 46.76 -30.94 -7.65
N ALA B 149 45.88 -31.27 -8.59
CA ALA B 149 45.05 -30.27 -9.27
C ALA B 149 43.77 -30.03 -8.47
N VAL B 150 43.53 -28.77 -8.12
CA VAL B 150 42.32 -28.38 -7.42
C VAL B 150 41.20 -28.16 -8.43
N PRO B 151 39.93 -28.31 -8.04
CA PRO B 151 38.84 -28.08 -8.98
C PRO B 151 38.59 -26.60 -9.21
N SER B 152 38.08 -26.29 -10.41
CA SER B 152 37.72 -24.93 -10.75
C SER B 152 36.40 -24.56 -10.08
N PHE B 153 35.98 -23.31 -10.28
CA PHE B 153 34.70 -22.87 -9.74
C PHE B 153 33.55 -23.66 -10.35
N LYS B 154 33.63 -23.97 -11.65
CA LYS B 154 32.60 -24.77 -12.30
C LYS B 154 32.52 -26.16 -11.67
N ASP B 155 33.66 -26.83 -11.53
CA ASP B 155 33.68 -28.16 -10.93
C ASP B 155 33.26 -28.11 -9.48
N ARG B 156 33.72 -27.10 -8.73
CA ARG B 156 33.40 -26.99 -7.31
C ARG B 156 31.89 -26.87 -7.09
N THR B 157 31.21 -26.08 -7.92
CA THR B 157 29.78 -25.87 -7.79
C THR B 157 28.98 -26.69 -8.79
N TYR B 158 29.48 -27.88 -9.16
CA TYR B 158 28.78 -28.72 -10.13
C TYR B 158 27.44 -29.18 -9.59
N TYR B 159 27.46 -29.88 -8.45
CA TYR B 159 26.22 -30.35 -7.84
C TYR B 159 25.34 -29.19 -7.38
N MET B 160 25.95 -28.11 -6.91
CA MET B 160 25.17 -26.94 -6.51
C MET B 160 24.46 -26.32 -7.69
N ARG B 161 25.17 -26.20 -8.82
CA ARG B 161 24.50 -25.81 -10.07
C ARG B 161 23.40 -26.79 -10.41
N MET B 162 23.74 -28.07 -10.53
CA MET B 162 22.77 -29.09 -10.93
C MET B 162 21.54 -29.09 -10.03
N ARG B 163 21.73 -28.89 -8.73
CA ARG B 163 20.58 -28.88 -7.82
C ARG B 163 19.70 -27.65 -8.01
N LEU B 164 20.22 -26.60 -8.64
CA LEU B 164 19.42 -25.39 -8.86
C LEU B 164 18.77 -25.35 -10.23
N ARG B 165 19.43 -25.89 -11.26
CA ARG B 165 18.84 -25.92 -12.59
C ARG B 165 17.61 -26.83 -12.66
N ARG B 166 17.51 -27.79 -11.75
CA ARG B 166 16.31 -28.60 -11.61
C ARG B 166 15.38 -28.11 -10.51
N MET B 167 15.88 -27.24 -9.62
CA MET B 167 14.99 -26.49 -8.74
C MET B 167 14.24 -25.43 -9.51
N SER B 168 14.95 -24.66 -10.34
CA SER B 168 14.29 -23.68 -11.21
C SER B 168 13.45 -24.34 -12.29
N GLN B 169 13.74 -25.61 -12.62
CA GLN B 169 12.90 -26.32 -13.58
C GLN B 169 11.53 -26.62 -12.97
N GLU B 170 11.50 -27.13 -11.74
CA GLU B 170 10.23 -27.36 -11.05
C GLU B 170 9.49 -26.06 -10.81
N ILE B 171 10.22 -24.95 -10.68
CA ILE B 171 9.59 -23.64 -10.48
C ILE B 171 8.73 -23.27 -11.70
N ASP B 172 9.25 -23.53 -12.90
CA ASP B 172 8.48 -23.19 -14.10
C ASP B 172 7.33 -24.18 -14.32
N GLN B 173 7.54 -25.45 -13.99
CA GLN B 173 6.46 -26.44 -14.07
C GLN B 173 5.40 -26.26 -12.98
N MET B 174 5.52 -25.16 -12.23
CA MET B 174 4.53 -24.77 -11.23
C MET B 174 4.12 -23.32 -11.33
N ALA B 175 4.90 -22.46 -11.98
CA ALA B 175 4.50 -21.08 -12.22
C ALA B 175 3.55 -20.96 -13.40
N THR B 176 3.81 -21.72 -14.47
CA THR B 176 2.92 -21.71 -15.62
C THR B 176 1.57 -22.34 -15.31
N VAL B 177 1.48 -23.15 -14.25
CA VAL B 177 0.19 -23.67 -13.83
C VAL B 177 -0.63 -22.58 -13.15
N LYS B 178 0.00 -21.83 -12.24
CA LYS B 178 -0.67 -20.70 -11.62
C LYS B 178 -0.88 -19.57 -12.62
N ARG B 179 0.03 -19.40 -13.57
CA ARG B 179 -0.13 -18.38 -14.59
C ARG B 179 -1.36 -18.64 -15.45
N GLU B 180 -1.63 -19.91 -15.76
CA GLU B 180 -2.86 -20.26 -16.46
C GLU B 180 -4.05 -20.28 -15.52
N CYS B 181 -3.84 -20.58 -14.24
CA CYS B 181 -4.93 -20.55 -13.28
C CYS B 181 -5.42 -19.13 -13.04
N ASP B 182 -4.49 -18.17 -12.95
CA ASP B 182 -4.86 -16.78 -12.72
C ASP B 182 -5.36 -16.08 -13.98
N LEU B 183 -5.22 -16.70 -15.14
CA LEU B 183 -5.84 -16.17 -16.36
C LEU B 183 -7.18 -16.79 -16.65
N LEU B 184 -7.41 -18.02 -16.18
CA LEU B 184 -8.72 -18.66 -16.28
C LEU B 184 -9.61 -18.33 -15.09
N ALA B 185 -9.06 -17.78 -14.02
CA ALA B 185 -9.85 -17.20 -12.94
C ALA B 185 -10.05 -15.70 -13.11
N HIS B 186 -9.40 -15.11 -14.11
CA HIS B 186 -9.60 -13.70 -14.45
C HIS B 186 -10.48 -13.52 -15.68
N LYS B 187 -10.41 -14.43 -16.65
CA LYS B 187 -11.34 -14.41 -17.76
C LYS B 187 -12.78 -14.61 -17.27
N GLY B 188 -12.97 -15.52 -16.32
CA GLY B 188 -14.31 -15.75 -15.80
C GLY B 188 -14.82 -14.62 -14.93
N ALA B 189 -13.92 -14.00 -14.15
CA ALA B 189 -14.30 -12.91 -13.27
C ALA B 189 -14.43 -11.58 -14.00
N HIS B 190 -13.98 -11.48 -15.25
CA HIS B 190 -14.15 -10.26 -16.03
C HIS B 190 -15.35 -10.32 -16.98
N ALA B 191 -15.88 -11.51 -17.24
CA ALA B 191 -17.17 -11.62 -17.91
C ALA B 191 -18.32 -11.41 -16.92
N LEU B 192 -18.10 -11.74 -15.65
CA LEU B 192 -19.08 -11.47 -14.61
C LEU B 192 -19.26 -9.97 -14.40
N ALA B 193 -18.18 -9.19 -14.56
CA ALA B 193 -18.28 -7.75 -14.39
C ALA B 193 -18.87 -7.07 -15.62
N LYS B 194 -18.54 -7.57 -16.82
CA LYS B 194 -19.13 -7.02 -18.04
C LYS B 194 -20.63 -7.25 -18.09
N GLY B 195 -21.08 -8.43 -17.65
CA GLY B 195 -22.50 -8.70 -17.61
C GLY B 195 -23.24 -7.92 -16.55
N GLY B 196 -22.58 -7.70 -15.40
CA GLY B 196 -23.20 -6.90 -14.35
C GLY B 196 -23.38 -5.46 -14.75
N PHE B 197 -22.39 -4.88 -15.44
CA PHE B 197 -22.52 -3.51 -15.91
C PHE B 197 -23.51 -3.41 -17.06
N ALA B 198 -23.54 -4.44 -17.93
CA ALA B 198 -24.48 -4.44 -19.04
C ALA B 198 -25.92 -4.49 -18.54
N ALA B 199 -26.17 -5.18 -17.42
CA ALA B 199 -27.51 -5.22 -16.87
C ALA B 199 -27.88 -3.88 -16.24
N LEU B 200 -26.92 -3.20 -15.63
CA LEU B 200 -27.20 -1.91 -15.00
C LEU B 200 -27.42 -0.82 -16.05
N ALA B 201 -26.55 -0.76 -17.05
CA ALA B 201 -26.70 0.25 -18.10
C ALA B 201 -28.00 0.06 -18.86
N ALA B 202 -28.41 -1.19 -19.06
CA ALA B 202 -29.70 -1.47 -19.67
C ALA B 202 -30.83 -1.01 -18.75
N TRP B 203 -30.74 -1.35 -17.46
CA TRP B 203 -31.75 -0.93 -16.51
C TRP B 203 -31.74 0.58 -16.29
N TRP B 204 -30.55 1.20 -16.34
CA TRP B 204 -30.47 2.66 -16.25
C TRP B 204 -31.23 3.31 -17.39
N GLY B 205 -31.05 2.80 -18.61
CA GLY B 205 -31.77 3.34 -19.75
C GLY B 205 -33.27 3.12 -19.68
N ILE B 206 -33.70 2.01 -19.08
CA ILE B 206 -35.13 1.76 -18.92
C ILE B 206 -35.73 2.77 -17.94
N VAL B 207 -35.06 2.99 -16.82
CA VAL B 207 -35.58 3.93 -15.83
C VAL B 207 -35.53 5.35 -16.37
N TYR B 208 -34.43 5.72 -17.05
CA TYR B 208 -34.32 7.05 -17.61
C TYR B 208 -35.41 7.31 -18.65
N TYR B 209 -35.66 6.35 -19.53
CA TYR B 209 -36.67 6.53 -20.57
C TYR B 209 -38.06 6.64 -19.95
N VAL B 210 -38.43 5.70 -19.09
CA VAL B 210 -39.77 5.70 -18.50
C VAL B 210 -39.99 6.97 -17.68
N THR B 211 -38.94 7.48 -17.02
CA THR B 211 -39.11 8.66 -16.19
C THR B 211 -39.24 9.93 -17.03
N PHE B 212 -38.41 10.06 -18.07
CA PHE B 212 -38.30 11.31 -18.81
C PHE B 212 -38.94 11.26 -20.18
N HIS B 213 -39.60 10.16 -20.55
CA HIS B 213 -40.19 10.07 -21.88
C HIS B 213 -41.58 9.45 -21.90
N THR B 214 -42.25 9.28 -20.76
CA THR B 214 -43.57 8.67 -20.74
C THR B 214 -44.45 9.37 -19.71
N ASP B 215 -45.72 8.96 -19.68
CA ASP B 215 -46.73 9.64 -18.87
C ASP B 215 -46.61 9.27 -17.39
N MET B 216 -46.65 7.97 -17.08
CA MET B 216 -46.67 7.55 -15.68
C MET B 216 -45.43 8.03 -14.94
N GLY B 217 -45.61 8.32 -13.66
CA GLY B 217 -44.62 9.03 -12.89
C GLY B 217 -43.91 8.18 -11.85
N TRP B 218 -43.18 8.87 -10.97
CA TRP B 218 -42.35 8.21 -9.97
C TRP B 218 -43.18 7.36 -9.01
N ASP B 219 -44.47 7.70 -8.83
CA ASP B 219 -45.33 6.92 -7.95
C ASP B 219 -45.48 5.48 -8.45
N LEU B 220 -45.39 5.27 -9.76
CA LEU B 220 -45.58 3.94 -10.33
C LEU B 220 -44.25 3.21 -10.54
N VAL B 221 -43.23 3.89 -11.04
CA VAL B 221 -42.02 3.20 -11.47
C VAL B 221 -41.09 2.89 -10.29
N GLU B 222 -41.03 3.78 -9.29
CA GLU B 222 -40.13 3.57 -8.16
C GLU B 222 -40.29 2.22 -7.46
N PRO B 223 -41.50 1.69 -7.23
CA PRO B 223 -41.58 0.33 -6.67
C PRO B 223 -40.86 -0.71 -7.50
N ILE B 224 -40.93 -0.61 -8.84
CA ILE B 224 -40.22 -1.55 -9.69
C ILE B 224 -38.72 -1.39 -9.51
N THR B 225 -38.24 -0.15 -9.37
CA THR B 225 -36.83 0.07 -9.08
C THR B 225 -36.47 -0.46 -7.69
N TYR B 226 -37.41 -0.37 -6.73
CA TYR B 226 -37.17 -0.95 -5.42
C TYR B 226 -37.08 -2.47 -5.50
N LEU B 227 -38.03 -3.10 -6.20
CA LEU B 227 -38.01 -4.55 -6.32
C LEU B 227 -36.74 -5.01 -7.02
N ALA B 228 -36.43 -4.43 -8.18
CA ALA B 228 -35.19 -4.76 -8.87
C ALA B 228 -33.98 -4.56 -7.97
N GLY B 229 -34.04 -3.60 -7.06
CA GLY B 229 -32.95 -3.43 -6.11
C GLY B 229 -32.84 -4.59 -5.14
N LEU B 230 -33.97 -5.11 -4.67
CA LEU B 230 -33.94 -6.27 -3.79
C LEU B 230 -33.54 -7.54 -4.53
N ALA B 231 -33.91 -7.65 -5.80
CA ALA B 231 -33.53 -8.82 -6.58
C ALA B 231 -32.01 -8.88 -6.77
N SER B 232 -31.38 -7.72 -6.99
CA SER B 232 -29.93 -7.70 -7.11
C SER B 232 -29.26 -8.03 -5.78
N ILE B 233 -29.86 -7.59 -4.67
CA ILE B 233 -29.31 -7.91 -3.36
C ILE B 233 -29.42 -9.40 -3.08
N MET B 234 -30.59 -9.99 -3.34
CA MET B 234 -30.77 -11.42 -3.11
C MET B 234 -30.09 -12.25 -4.20
N GLY B 235 -30.02 -11.72 -5.42
CA GLY B 235 -29.31 -12.42 -6.48
C GLY B 235 -27.82 -12.53 -6.21
N GLY B 236 -27.25 -11.59 -5.44
CA GLY B 236 -25.86 -11.64 -5.07
C GLY B 236 -25.54 -12.44 -3.83
N TYR B 237 -26.56 -12.85 -3.07
CA TYR B 237 -26.35 -13.64 -1.87
C TYR B 237 -26.81 -15.08 -1.99
N LEU B 238 -27.59 -15.42 -3.03
CA LEU B 238 -27.70 -16.81 -3.43
C LEU B 238 -26.59 -17.22 -4.37
N TRP B 239 -25.92 -16.26 -5.00
CA TRP B 239 -24.71 -16.54 -5.77
C TRP B 239 -23.51 -16.72 -4.86
N PHE B 240 -23.37 -15.87 -3.84
CA PHE B 240 -22.36 -16.07 -2.80
C PHE B 240 -22.69 -17.22 -1.85
N LEU B 241 -23.71 -17.99 -2.23
CA LEU B 241 -24.07 -19.23 -1.55
C LEU B 241 -23.59 -20.42 -2.38
N PHE B 242 -24.18 -20.60 -3.56
CA PHE B 242 -23.77 -21.66 -4.47
C PHE B 242 -22.66 -21.16 -5.40
N ASP B 276 5.30 -22.70 -4.11
CA ASP B 276 6.14 -21.54 -4.38
C ASP B 276 6.89 -21.10 -3.13
N GLN B 277 6.94 -21.99 -2.14
CA GLN B 277 7.82 -21.80 -1.00
C GLN B 277 9.22 -22.34 -1.26
N LEU B 278 9.36 -23.26 -2.20
CA LEU B 278 10.66 -23.80 -2.60
C LEU B 278 11.46 -22.80 -3.41
N VAL B 279 11.20 -21.51 -3.20
CA VAL B 279 11.92 -20.45 -3.89
C VAL B 279 12.95 -19.80 -2.98
N HIS B 280 12.61 -19.64 -1.69
CA HIS B 280 13.63 -19.21 -0.73
C HIS B 280 14.64 -20.31 -0.46
N ASP B 281 14.28 -21.57 -0.72
CA ASP B 281 15.28 -22.63 -0.77
C ASP B 281 16.21 -22.43 -1.96
N ALA B 282 15.63 -22.12 -3.12
CA ALA B 282 16.44 -21.80 -4.30
C ALA B 282 17.17 -20.48 -4.13
N ASN B 283 16.63 -19.57 -3.31
CA ASN B 283 17.33 -18.32 -3.02
C ASN B 283 18.59 -18.58 -2.21
N GLY B 284 18.49 -19.40 -1.16
CA GLY B 284 19.66 -19.71 -0.36
C GLY B 284 20.73 -20.43 -1.15
N LEU B 285 20.33 -21.34 -2.03
CA LEU B 285 21.30 -22.00 -2.90
C LEU B 285 21.89 -21.01 -3.90
N ARG B 286 21.10 -20.04 -4.35
CA ARG B 286 21.61 -19.02 -5.26
C ARG B 286 22.60 -18.09 -4.57
N ARG B 287 22.40 -17.83 -3.27
CA ARG B 287 23.34 -16.99 -2.54
C ARG B 287 24.65 -17.73 -2.28
N GLU B 288 24.58 -19.04 -2.03
CA GLU B 288 25.80 -19.81 -1.85
C GLU B 288 26.59 -19.88 -3.15
N ILE B 289 25.91 -20.12 -4.28
CA ILE B 289 26.59 -20.23 -5.55
C ILE B 289 27.00 -18.87 -6.11
N LYS B 290 26.32 -17.79 -5.70
CA LYS B 290 26.81 -16.46 -6.03
C LYS B 290 28.07 -16.11 -5.24
N PHE B 291 28.24 -16.73 -4.07
CA PHE B 291 29.32 -16.39 -3.16
C PHE B 291 30.60 -17.14 -3.48
N ALA B 292 30.50 -18.33 -4.09
CA ALA B 292 31.69 -19.05 -4.51
C ALA B 292 32.34 -18.38 -5.71
N ALA B 293 31.53 -17.88 -6.65
CA ALA B 293 32.08 -17.20 -7.82
C ALA B 293 32.81 -15.93 -7.43
N THR B 294 32.30 -15.20 -6.43
CA THR B 294 32.99 -14.02 -5.95
C THR B 294 34.28 -14.39 -5.22
N GLU B 295 34.23 -15.41 -4.37
CA GLU B 295 35.45 -15.88 -3.71
C GLU B 295 36.45 -16.42 -4.72
N TYR B 296 35.98 -17.04 -5.79
CA TYR B 296 36.85 -17.47 -6.87
C TYR B 296 37.10 -16.38 -7.90
N GLY B 297 36.41 -15.25 -7.81
CA GLY B 297 36.63 -14.13 -8.69
C GLY B 297 36.30 -14.41 -10.15
N VAL B 298 35.15 -15.04 -10.39
CA VAL B 298 34.74 -15.44 -11.73
C VAL B 298 33.34 -14.92 -11.99
N GLU B 299 33.09 -14.46 -13.22
CA GLU B 299 31.75 -14.09 -13.63
C GLU B 299 30.88 -15.34 -13.77
N TRP B 300 29.63 -15.24 -13.33
CA TRP B 300 28.71 -16.36 -13.47
C TRP B 300 27.27 -15.86 -13.42
N ASP B 301 26.47 -16.26 -14.40
CA ASP B 301 25.04 -16.04 -14.40
C ASP B 301 24.41 -17.14 -15.25
N GLU B 302 23.28 -17.69 -14.77
CA GLU B 302 22.64 -18.81 -15.43
C GLU B 302 22.17 -18.43 -16.84
N VAL C 1 -39.29 14.00 -39.45
CA VAL C 1 -39.67 14.48 -38.12
C VAL C 1 -40.02 15.96 -38.13
N GLN C 2 -41.30 16.25 -38.00
CA GLN C 2 -41.80 17.62 -37.85
C GLN C 2 -43.26 17.54 -37.41
N LEU C 3 -43.81 18.70 -37.07
CA LEU C 3 -45.10 18.77 -36.38
C LEU C 3 -46.12 19.51 -37.23
N GLN C 4 -47.40 19.18 -37.02
CA GLN C 4 -48.52 19.82 -37.70
C GLN C 4 -49.55 20.22 -36.66
N GLU C 5 -49.86 21.51 -36.58
CA GLU C 5 -50.87 22.02 -35.66
C GLU C 5 -52.11 22.42 -36.43
N SER C 6 -53.26 22.37 -35.75
CA SER C 6 -54.53 22.72 -36.36
C SER C 6 -55.51 23.10 -35.26
N GLY C 7 -56.24 24.20 -35.50
CA GLY C 7 -57.22 24.65 -34.53
C GLY C 7 -57.36 26.16 -34.46
N GLY C 8 -56.43 26.88 -35.07
CA GLY C 8 -56.44 28.33 -35.02
C GLY C 8 -57.64 28.91 -35.76
N GLY C 9 -57.87 30.19 -35.51
CA GLY C 9 -58.97 30.89 -36.15
C GLY C 9 -59.25 32.19 -35.43
N LEU C 10 -60.42 32.74 -35.74
CA LEU C 10 -60.87 34.00 -35.17
C LEU C 10 -61.88 33.74 -34.05
N VAL C 11 -61.76 34.52 -32.97
CA VAL C 11 -62.65 34.40 -31.82
C VAL C 11 -62.79 35.78 -31.21
N GLN C 12 -63.93 36.03 -30.59
CA GLN C 12 -64.17 37.30 -29.91
C GLN C 12 -63.71 37.22 -28.46
N ALA C 13 -63.37 38.38 -27.90
CA ALA C 13 -62.81 38.45 -26.56
C ALA C 13 -63.73 37.77 -25.56
N GLY C 14 -63.12 37.01 -24.65
CA GLY C 14 -63.87 36.20 -23.71
C GLY C 14 -64.22 34.82 -24.23
N GLY C 15 -63.97 34.54 -25.50
CA GLY C 15 -64.26 33.25 -26.08
C GLY C 15 -63.25 32.19 -25.68
N SER C 16 -63.38 31.02 -26.30
CA SER C 16 -62.53 29.88 -26.01
C SER C 16 -61.99 29.31 -27.31
N LEU C 17 -60.90 28.56 -27.20
CA LEU C 17 -60.27 27.94 -28.35
C LEU C 17 -59.38 26.79 -27.88
N ARG C 18 -59.36 25.71 -28.66
CA ARG C 18 -58.54 24.55 -28.38
C ARG C 18 -57.61 24.29 -29.56
N LEU C 19 -56.32 24.17 -29.27
CA LEU C 19 -55.30 23.98 -30.29
C LEU C 19 -54.71 22.59 -30.17
N SER C 20 -54.63 21.89 -31.29
CA SER C 20 -54.10 20.53 -31.34
C SER C 20 -52.87 20.47 -32.24
N CYS C 21 -51.91 19.63 -31.87
CA CYS C 21 -50.68 19.48 -32.62
C CYS C 21 -50.21 18.03 -32.50
N ALA C 22 -49.90 17.41 -33.64
CA ALA C 22 -49.52 16.00 -33.70
C ALA C 22 -48.11 15.89 -34.25
N ALA C 23 -47.15 15.63 -33.36
CA ALA C 23 -45.78 15.40 -33.79
C ALA C 23 -45.64 14.03 -34.43
N SER C 24 -45.05 13.98 -35.62
CA SER C 24 -44.85 12.72 -36.33
C SER C 24 -43.43 12.68 -36.88
N GLY C 25 -43.01 11.47 -37.26
CA GLY C 25 -41.65 11.24 -37.70
C GLY C 25 -40.69 10.88 -36.60
N THR C 26 -41.15 10.81 -35.35
CA THR C 26 -40.29 10.49 -34.23
C THR C 26 -40.07 8.98 -34.13
N ILE C 27 -38.84 8.59 -33.76
CA ILE C 27 -38.56 7.18 -33.53
C ILE C 27 -38.98 6.77 -32.12
N PHE C 28 -39.04 7.71 -31.19
CA PHE C 28 -39.50 7.44 -29.83
C PHE C 28 -40.27 8.66 -29.34
N SER C 29 -40.87 8.53 -28.16
CA SER C 29 -41.65 9.63 -27.60
C SER C 29 -40.73 10.78 -27.23
N PRO C 30 -41.03 12.01 -27.66
CA PRO C 30 -40.19 13.15 -27.28
C PRO C 30 -40.39 13.53 -25.82
N HIS C 31 -39.30 13.99 -25.20
CA HIS C 31 -39.35 14.37 -23.80
C HIS C 31 -40.25 15.57 -23.58
N TYR C 32 -39.98 16.66 -24.28
CA TYR C 32 -40.67 17.93 -24.08
C TYR C 32 -41.45 18.31 -25.32
N MET C 33 -42.68 18.81 -25.12
CA MET C 33 -43.50 19.35 -26.19
C MET C 33 -44.30 20.51 -25.61
N GLY C 34 -44.19 21.69 -26.24
CA GLY C 34 -44.84 22.88 -25.73
C GLY C 34 -45.36 23.76 -26.86
N TRP C 35 -45.93 24.90 -26.46
CA TRP C 35 -46.49 25.87 -27.39
C TRP C 35 -45.78 27.20 -27.22
N TYR C 36 -45.51 27.87 -28.35
CA TYR C 36 -44.89 29.18 -28.35
C TYR C 36 -45.70 30.13 -29.22
N ARG C 37 -45.51 31.43 -29.00
CA ARG C 37 -46.33 32.45 -29.60
C ARG C 37 -45.48 33.66 -29.95
N GLN C 38 -45.82 34.32 -31.07
CA GLN C 38 -45.10 35.48 -31.56
C GLN C 38 -46.09 36.60 -31.88
N ALA C 39 -46.11 37.62 -31.02
CA ALA C 39 -47.02 38.75 -31.19
C ALA C 39 -46.68 39.52 -32.47
N PRO C 40 -47.61 40.35 -32.96
CA PRO C 40 -47.34 41.13 -34.18
C PRO C 40 -46.12 42.03 -34.09
N GLY C 41 -45.64 42.33 -32.89
CA GLY C 41 -44.48 43.19 -32.75
C GLY C 41 -43.36 42.59 -31.92
N LYS C 42 -43.71 41.74 -30.97
CA LYS C 42 -42.74 41.14 -30.06
C LYS C 42 -42.03 39.97 -30.74
N GLU C 43 -41.21 39.26 -29.98
CA GLU C 43 -40.51 38.08 -30.45
C GLU C 43 -41.21 36.82 -29.94
N ARG C 44 -40.66 35.67 -30.30
CA ARG C 44 -41.24 34.40 -29.87
C ARG C 44 -41.18 34.27 -28.35
N GLU C 45 -42.33 34.00 -27.74
CA GLU C 45 -42.44 33.92 -26.30
C GLU C 45 -43.03 32.59 -25.88
N PHE C 46 -42.74 32.20 -24.64
CA PHE C 46 -43.25 30.96 -24.09
C PHE C 46 -44.72 31.11 -23.70
N VAL C 47 -45.49 30.04 -23.89
CA VAL C 47 -46.90 30.03 -23.52
C VAL C 47 -47.16 28.90 -22.55
N ALA C 48 -46.88 27.66 -22.98
CA ALA C 48 -47.09 26.49 -22.14
C ALA C 48 -46.19 25.37 -22.64
N GLY C 49 -45.91 24.43 -21.74
CA GLY C 49 -45.05 23.31 -22.08
C GLY C 49 -45.06 22.23 -21.01
N ILE C 50 -44.89 20.98 -21.42
CA ILE C 50 -44.86 19.84 -20.50
C ILE C 50 -43.66 18.97 -20.84
N GLY C 51 -42.65 18.99 -19.96
CA GLY C 51 -41.59 17.99 -20.01
C GLY C 51 -41.97 16.82 -19.13
N PHE C 52 -41.72 15.61 -19.63
CA PHE C 52 -42.18 14.41 -18.93
C PHE C 52 -41.44 14.23 -17.62
N GLY C 53 -40.11 14.08 -17.67
CA GLY C 53 -39.34 13.97 -16.46
C GLY C 53 -39.17 15.27 -15.69
N THR C 54 -39.44 16.41 -16.34
CA THR C 54 -39.24 17.71 -15.72
C THR C 54 -40.57 18.32 -15.27
N THR C 55 -40.62 19.66 -15.25
CA THR C 55 -41.79 20.36 -14.75
C THR C 55 -42.86 20.49 -15.84
N THR C 56 -43.96 21.16 -15.49
CA THR C 56 -45.01 21.53 -16.44
C THR C 56 -45.46 22.93 -16.05
N ASN C 57 -44.85 23.94 -16.67
CA ASN C 57 -45.02 25.33 -16.28
C ASN C 57 -45.72 26.12 -17.39
N TYR C 58 -46.47 27.13 -16.97
CA TYR C 58 -47.12 28.08 -17.86
C TYR C 58 -46.45 29.44 -17.73
N ALA C 59 -46.61 30.25 -18.77
CA ALA C 59 -46.14 31.63 -18.71
C ALA C 59 -47.05 32.46 -17.82
N ASN C 60 -46.55 33.63 -17.41
CA ASN C 60 -47.28 34.46 -16.46
C ASN C 60 -48.59 34.98 -17.04
N SER C 61 -48.56 35.41 -18.31
CA SER C 61 -49.74 36.06 -18.89
C SER C 61 -50.90 35.07 -19.08
N VAL C 62 -50.58 33.84 -19.48
CA VAL C 62 -51.63 32.86 -19.77
C VAL C 62 -51.94 31.96 -18.59
N LYS C 63 -51.30 32.19 -17.44
CA LYS C 63 -51.53 31.34 -16.28
C LYS C 63 -52.96 31.50 -15.77
N GLY C 64 -53.62 30.37 -15.49
CA GLY C 64 -54.99 30.37 -15.04
C GLY C 64 -56.03 30.35 -16.14
N ARG C 65 -55.64 30.68 -17.38
CA ARG C 65 -56.56 30.70 -18.50
C ARG C 65 -56.28 29.61 -19.53
N PHE C 66 -55.02 29.17 -19.67
CA PHE C 66 -54.64 28.14 -20.60
C PHE C 66 -54.35 26.83 -19.85
N THR C 67 -54.65 25.70 -20.51
CA THR C 67 -54.32 24.39 -19.99
C THR C 67 -53.66 23.59 -21.10
N ILE C 68 -52.41 23.19 -20.89
CA ILE C 68 -51.70 22.34 -21.84
C ILE C 68 -51.75 20.90 -21.34
N SER C 69 -51.91 19.97 -22.27
CA SER C 69 -51.94 18.55 -21.96
C SER C 69 -51.41 17.78 -23.14
N ARG C 70 -50.70 16.68 -22.88
CA ARG C 70 -50.12 15.85 -23.91
C ARG C 70 -50.73 14.46 -23.86
N ASP C 71 -50.91 13.86 -25.04
CA ASP C 71 -51.40 12.50 -25.18
C ASP C 71 -50.27 11.71 -25.82
N ASN C 72 -49.46 11.06 -24.99
CA ASN C 72 -48.27 10.38 -25.49
C ASN C 72 -48.61 9.18 -26.36
N ALA C 73 -49.79 8.58 -26.16
CA ALA C 73 -50.20 7.46 -27.01
C ALA C 73 -50.38 7.92 -28.44
N LYS C 74 -51.15 8.99 -28.66
CA LYS C 74 -51.28 9.58 -29.98
C LYS C 74 -50.15 10.53 -30.32
N ASN C 75 -49.24 10.80 -29.37
CA ASN C 75 -48.10 11.69 -29.57
C ASN C 75 -48.57 13.07 -30.04
N THR C 76 -49.34 13.72 -29.17
CA THR C 76 -49.99 14.98 -29.52
C THR C 76 -49.89 15.96 -28.36
N VAL C 77 -49.98 17.24 -28.70
CA VAL C 77 -50.05 18.32 -27.72
C VAL C 77 -51.38 19.02 -27.88
N TYR C 78 -51.95 19.48 -26.76
CA TYR C 78 -53.23 20.17 -26.77
C TYR C 78 -53.13 21.41 -25.90
N LEU C 79 -53.53 22.55 -26.45
CA LEU C 79 -53.56 23.82 -25.72
C LEU C 79 -54.99 24.32 -25.68
N GLN C 80 -55.59 24.28 -24.49
CA GLN C 80 -56.96 24.77 -24.29
C GLN C 80 -56.90 26.22 -23.86
N MET C 81 -57.29 27.12 -24.76
CA MET C 81 -57.24 28.55 -24.52
C MET C 81 -58.63 29.03 -24.13
N ASN C 82 -58.81 29.39 -22.86
CA ASN C 82 -60.08 29.87 -22.34
C ASN C 82 -59.92 31.30 -21.85
N SER C 83 -61.01 32.07 -21.93
CA SER C 83 -61.03 33.48 -21.54
C SER C 83 -59.91 34.25 -22.23
N LEU C 84 -60.09 34.43 -23.54
CA LEU C 84 -59.06 35.01 -24.37
C LEU C 84 -59.10 36.53 -24.30
N LYS C 85 -58.00 37.14 -24.71
CA LYS C 85 -57.81 38.59 -24.68
C LYS C 85 -57.20 39.04 -25.99
N PRO C 86 -57.37 40.32 -26.36
CA PRO C 86 -56.72 40.81 -27.58
C PRO C 86 -55.21 40.72 -27.54
N GLU C 87 -54.59 40.78 -26.35
CA GLU C 87 -53.15 40.62 -26.26
C GLU C 87 -52.71 39.20 -26.57
N ASP C 88 -53.62 38.22 -26.49
CA ASP C 88 -53.32 36.85 -26.86
C ASP C 88 -53.30 36.63 -28.37
N THR C 89 -53.56 37.66 -29.16
CA THR C 89 -53.56 37.55 -30.61
C THR C 89 -52.14 37.46 -31.13
N ALA C 90 -51.82 36.34 -31.78
CA ALA C 90 -50.49 36.11 -32.34
C ALA C 90 -50.51 34.79 -33.10
N VAL C 91 -49.38 34.50 -33.75
CA VAL C 91 -49.17 33.22 -34.41
C VAL C 91 -48.62 32.23 -33.38
N TYR C 92 -49.29 31.09 -33.25
CA TYR C 92 -48.95 30.09 -32.25
C TYR C 92 -48.17 28.96 -32.90
N TYR C 93 -47.02 28.62 -32.31
CA TYR C 93 -46.16 27.55 -32.81
C TYR C 93 -46.19 26.38 -31.86
N CYS C 94 -46.02 25.17 -32.41
CA CYS C 94 -45.98 23.93 -31.65
C CYS C 94 -44.53 23.43 -31.66
N ALA C 95 -43.88 23.49 -30.50
CA ALA C 95 -42.48 23.14 -30.39
C ALA C 95 -42.31 21.84 -29.61
N ALA C 96 -41.23 21.11 -29.93
CA ALA C 96 -40.95 19.83 -29.31
C ALA C 96 -39.44 19.64 -29.23
N ARG C 97 -38.97 19.24 -28.06
CA ARG C 97 -37.58 18.84 -27.86
C ARG C 97 -37.51 17.34 -27.61
N LEU C 98 -36.49 16.70 -28.17
CA LEU C 98 -36.39 15.24 -28.11
C LEU C 98 -35.72 14.75 -26.83
N TYR C 99 -34.81 15.54 -26.24
CA TYR C 99 -34.06 15.10 -25.08
C TYR C 99 -34.12 16.14 -23.98
N PRO C 100 -34.09 15.70 -22.71
CA PRO C 100 -34.12 16.66 -21.61
C PRO C 100 -32.80 17.39 -21.39
N ILE C 101 -31.69 16.89 -21.93
CA ILE C 101 -30.39 17.52 -21.78
C ILE C 101 -30.35 18.78 -22.64
N LEU C 102 -29.66 18.70 -23.79
CA LEU C 102 -29.63 19.79 -24.76
C LEU C 102 -29.59 19.17 -26.15
N GLY C 103 -30.68 19.32 -26.89
CA GLY C 103 -30.76 18.80 -28.24
C GLY C 103 -31.39 19.78 -29.20
N HIS C 104 -31.67 19.33 -30.42
CA HIS C 104 -32.28 20.20 -31.42
C HIS C 104 -33.74 20.44 -31.06
N THR C 105 -34.14 21.71 -31.05
CA THR C 105 -35.52 22.09 -30.79
C THR C 105 -36.28 22.19 -32.10
N TYR C 106 -37.42 21.53 -32.18
CA TYR C 106 -38.21 21.44 -33.39
C TYR C 106 -39.42 22.36 -33.32
N TRP C 107 -39.78 22.92 -34.47
CA TRP C 107 -40.86 23.89 -34.55
C TRP C 107 -41.93 23.42 -35.53
N GLY C 108 -43.18 23.79 -35.23
CA GLY C 108 -44.31 23.41 -36.04
C GLY C 108 -44.57 24.40 -37.16
N GLN C 109 -45.70 24.19 -37.84
CA GLN C 109 -46.06 25.02 -38.99
C GLN C 109 -46.64 26.37 -38.58
N GLY C 110 -47.13 26.50 -37.35
CA GLY C 110 -47.67 27.76 -36.88
C GLY C 110 -49.05 28.06 -37.41
N THR C 111 -49.99 28.38 -36.51
CA THR C 111 -51.34 28.77 -36.88
C THR C 111 -51.70 30.06 -36.16
N GLN C 112 -52.37 30.96 -36.87
CA GLN C 112 -52.74 32.25 -36.31
C GLN C 112 -54.02 32.16 -35.51
N VAL C 113 -54.04 32.83 -34.36
CA VAL C 113 -55.24 32.98 -33.54
C VAL C 113 -55.49 34.47 -33.37
N THR C 114 -56.71 34.90 -33.67
CA THR C 114 -57.09 36.30 -33.63
C THR C 114 -58.22 36.50 -32.62
N VAL C 115 -58.06 37.49 -31.75
CA VAL C 115 -59.05 37.84 -30.74
C VAL C 115 -59.49 39.28 -31.00
N SER C 116 -60.79 39.48 -31.20
CA SER C 116 -61.33 40.75 -31.68
C SER C 116 -61.89 41.57 -30.52
N SER C 117 -61.76 42.89 -30.66
CA SER C 117 -62.33 43.83 -29.70
C SER C 117 -62.79 45.11 -30.42
N VAL D 1 -28.72 43.51 1.61
CA VAL D 1 -29.80 42.56 1.48
C VAL D 1 -31.01 42.97 2.33
N GLN D 2 -32.07 43.43 1.65
CA GLN D 2 -33.31 43.79 2.32
C GLN D 2 -34.42 43.83 1.28
N LEU D 3 -35.66 43.83 1.77
CA LEU D 3 -36.84 43.73 0.94
C LEU D 3 -37.64 45.02 0.98
N GLN D 4 -38.39 45.26 -0.09
CA GLN D 4 -39.32 46.38 -0.17
C GLN D 4 -40.68 45.89 -0.65
N GLU D 5 -41.73 46.54 -0.17
CA GLU D 5 -43.10 46.13 -0.49
C GLU D 5 -43.84 47.27 -1.19
N SER D 6 -44.92 46.88 -1.88
CA SER D 6 -45.81 47.82 -2.56
C SER D 6 -47.14 47.16 -2.91
N GLY D 7 -48.25 47.80 -2.54
CA GLY D 7 -49.55 47.25 -2.85
C GLY D 7 -50.63 47.56 -1.85
N GLY D 8 -50.23 48.03 -0.66
CA GLY D 8 -51.20 48.34 0.37
C GLY D 8 -52.07 49.53 0.03
N GLY D 9 -53.19 49.62 0.72
CA GLY D 9 -54.12 50.71 0.50
C GLY D 9 -55.42 50.48 1.23
N LEU D 10 -56.45 51.20 0.81
CA LEU D 10 -57.77 51.12 1.41
C LEU D 10 -58.70 50.25 0.57
N VAL D 11 -59.59 49.54 1.27
CA VAL D 11 -60.60 48.66 0.66
C VAL D 11 -61.57 48.28 1.76
N GLN D 12 -62.85 48.13 1.45
CA GLN D 12 -63.83 47.84 2.47
C GLN D 12 -64.08 46.33 2.57
N ALA D 13 -64.84 45.95 3.60
CA ALA D 13 -65.02 44.55 3.95
C ALA D 13 -65.61 43.75 2.79
N GLY D 14 -65.12 42.53 2.61
CA GLY D 14 -65.51 41.69 1.51
C GLY D 14 -64.77 41.95 0.21
N GLY D 15 -63.85 42.91 0.20
CA GLY D 15 -63.13 43.26 -1.00
C GLY D 15 -61.94 42.35 -1.26
N SER D 16 -61.09 42.79 -2.17
CA SER D 16 -59.92 42.04 -2.59
C SER D 16 -58.70 42.94 -2.62
N LEU D 17 -57.52 42.33 -2.49
CA LEU D 17 -56.26 43.06 -2.53
C LEU D 17 -55.13 42.07 -2.77
N ARG D 18 -54.20 42.45 -3.65
CA ARG D 18 -53.02 41.66 -3.94
C ARG D 18 -51.79 42.36 -3.38
N LEU D 19 -50.96 41.62 -2.66
CA LEU D 19 -49.77 42.16 -2.01
C LEU D 19 -48.53 41.60 -2.68
N SER D 20 -47.52 42.46 -2.84
CA SER D 20 -46.28 42.08 -3.51
C SER D 20 -45.09 42.61 -2.72
N CYS D 21 -44.02 41.83 -2.70
CA CYS D 21 -42.79 42.18 -2.00
C CYS D 21 -41.62 41.54 -2.72
N ALA D 22 -40.55 42.31 -2.91
CA ALA D 22 -39.41 41.89 -3.72
C ALA D 22 -38.16 41.88 -2.86
N ALA D 23 -37.56 40.69 -2.71
CA ALA D 23 -36.30 40.55 -2.00
C ALA D 23 -35.14 40.86 -2.94
N SER D 24 -34.15 41.57 -2.41
CA SER D 24 -32.98 41.94 -3.20
C SER D 24 -31.75 41.93 -2.30
N GLY D 25 -30.59 41.82 -2.93
CA GLY D 25 -29.33 41.77 -2.21
C GLY D 25 -28.87 40.38 -1.82
N THR D 26 -29.57 39.34 -2.25
CA THR D 26 -29.23 37.97 -1.90
C THR D 26 -28.33 37.36 -2.96
N ILE D 27 -27.28 36.66 -2.51
CA ILE D 27 -26.43 35.92 -3.44
C ILE D 27 -27.15 34.67 -3.93
N PHE D 28 -28.07 34.14 -3.13
CA PHE D 28 -28.75 32.89 -3.46
C PHE D 28 -30.26 33.08 -3.34
N SER D 29 -31.01 31.99 -3.43
CA SER D 29 -32.45 32.08 -3.24
C SER D 29 -32.80 31.86 -1.78
N PRO D 30 -33.52 32.78 -1.15
CA PRO D 30 -33.86 32.60 0.27
C PRO D 30 -34.79 31.41 0.48
N HIS D 31 -34.61 30.75 1.63
CA HIS D 31 -35.41 29.58 1.94
C HIS D 31 -36.84 29.97 2.30
N TYR D 32 -37.00 30.88 3.25
CA TYR D 32 -38.31 31.25 3.79
C TYR D 32 -38.62 32.70 3.47
N MET D 33 -39.86 32.94 3.04
CA MET D 33 -40.38 34.29 2.83
C MET D 33 -41.87 34.26 3.13
N GLY D 34 -42.33 35.17 4.01
CA GLY D 34 -43.70 35.16 4.46
C GLY D 34 -44.24 36.57 4.67
N TRP D 35 -45.49 36.62 5.15
CA TRP D 35 -46.20 37.86 5.39
C TRP D 35 -46.68 37.91 6.83
N TYR D 36 -46.60 39.11 7.43
CA TYR D 36 -46.95 39.30 8.83
C TYR D 36 -47.73 40.61 8.98
N ARG D 37 -48.57 40.68 10.01
CA ARG D 37 -49.42 41.84 10.24
C ARG D 37 -49.27 42.33 11.67
N GLN D 38 -49.72 43.56 11.91
CA GLN D 38 -49.58 44.21 13.21
C GLN D 38 -50.83 45.03 13.49
N ALA D 39 -51.68 44.54 14.40
CA ALA D 39 -52.90 45.24 14.76
C ALA D 39 -52.55 46.57 15.44
N PRO D 40 -53.50 47.51 15.50
CA PRO D 40 -53.20 48.84 16.08
C PRO D 40 -52.65 48.80 17.49
N GLY D 41 -52.87 47.72 18.25
CA GLY D 41 -52.36 47.65 19.60
C GLY D 41 -51.70 46.34 19.96
N LYS D 42 -51.97 45.30 19.16
CA LYS D 42 -51.47 43.97 19.45
C LYS D 42 -50.04 43.83 18.93
N GLU D 43 -49.55 42.59 18.87
CA GLU D 43 -48.17 42.31 18.50
C GLU D 43 -48.07 42.06 17.00
N ARG D 44 -46.91 41.59 16.55
CA ARG D 44 -46.68 41.22 15.16
C ARG D 44 -47.10 39.78 14.97
N GLU D 45 -48.15 39.56 14.19
CA GLU D 45 -48.73 38.22 14.04
C GLU D 45 -48.46 37.68 12.64
N PHE D 46 -48.46 36.34 12.56
CA PHE D 46 -48.19 35.66 11.31
C PHE D 46 -49.44 35.59 10.44
N VAL D 47 -49.27 35.85 9.15
CA VAL D 47 -50.36 35.79 8.17
C VAL D 47 -50.18 34.60 7.23
N ALA D 48 -49.10 34.59 6.47
CA ALA D 48 -48.83 33.51 5.53
C ALA D 48 -47.33 33.43 5.30
N GLY D 49 -46.86 32.23 4.99
CA GLY D 49 -45.44 32.02 4.78
C GLY D 49 -45.19 30.74 4.04
N ILE D 50 -44.08 30.71 3.28
CA ILE D 50 -43.70 29.56 2.48
C ILE D 50 -42.23 29.26 2.73
N GLY D 51 -41.96 28.14 3.40
CA GLY D 51 -40.63 27.57 3.42
C GLY D 51 -40.48 26.55 2.30
N PHE D 52 -39.33 26.59 1.62
CA PHE D 52 -39.16 25.79 0.43
C PHE D 52 -39.06 24.31 0.78
N GLY D 53 -38.12 23.95 1.66
CA GLY D 53 -38.04 22.57 2.11
C GLY D 53 -39.11 22.17 3.10
N THR D 54 -39.75 23.14 3.76
CA THR D 54 -40.76 22.86 4.78
C THR D 54 -42.16 23.09 4.23
N THR D 55 -43.10 23.43 5.12
CA THR D 55 -44.50 23.58 4.72
C THR D 55 -44.73 24.94 4.08
N THR D 56 -45.98 25.16 3.64
CA THR D 56 -46.48 26.46 3.19
C THR D 56 -47.80 26.66 3.92
N ASN D 57 -47.73 27.23 5.13
CA ASN D 57 -48.85 27.25 6.05
C ASN D 57 -49.40 28.68 6.22
N TYR D 58 -50.65 28.74 6.66
CA TYR D 58 -51.33 29.98 7.00
C TYR D 58 -51.72 29.97 8.48
N ALA D 59 -52.05 31.15 9.00
CA ALA D 59 -52.56 31.25 10.35
C ALA D 59 -54.05 30.93 10.38
N ASN D 60 -54.58 30.75 11.60
CA ASN D 60 -55.97 30.31 11.74
C ASN D 60 -56.94 31.37 11.24
N SER D 61 -56.79 32.62 11.72
CA SER D 61 -57.65 33.70 11.24
C SER D 61 -57.46 33.96 9.76
N VAL D 62 -56.31 33.55 9.20
CA VAL D 62 -56.00 33.79 7.80
C VAL D 62 -56.51 32.68 6.88
N LYS D 63 -56.69 31.47 7.40
CA LYS D 63 -56.91 30.29 6.57
C LYS D 63 -58.14 30.44 5.67
N GLY D 64 -58.02 29.91 4.45
CA GLY D 64 -59.13 29.82 3.53
C GLY D 64 -59.43 31.07 2.72
N ARG D 65 -58.98 32.24 3.19
CA ARG D 65 -59.35 33.51 2.55
C ARG D 65 -58.20 34.15 1.76
N PHE D 66 -56.97 34.04 2.25
CA PHE D 66 -55.82 34.60 1.55
C PHE D 66 -54.99 33.49 0.93
N THR D 67 -54.19 33.84 -0.07
CA THR D 67 -53.33 32.89 -0.77
C THR D 67 -51.94 33.49 -0.89
N ILE D 68 -50.96 32.81 -0.28
CA ILE D 68 -49.56 33.19 -0.45
C ILE D 68 -48.97 32.41 -1.60
N SER D 69 -48.06 33.05 -2.33
CA SER D 69 -47.41 32.40 -3.47
C SER D 69 -46.06 33.07 -3.70
N ARG D 70 -45.02 32.26 -3.80
CA ARG D 70 -43.68 32.73 -4.12
C ARG D 70 -43.30 32.32 -5.53
N ASP D 71 -42.58 33.20 -6.22
CA ASP D 71 -41.92 32.87 -7.47
C ASP D 71 -40.43 33.11 -7.26
N ASN D 72 -39.66 32.01 -7.18
CA ASN D 72 -38.26 32.10 -6.83
C ASN D 72 -37.41 32.72 -7.94
N ALA D 73 -37.90 32.73 -9.18
CA ALA D 73 -37.15 33.34 -10.27
C ALA D 73 -37.02 34.84 -10.09
N LYS D 74 -38.16 35.53 -9.96
CA LYS D 74 -38.16 36.95 -9.67
C LYS D 74 -37.94 37.25 -8.19
N ASN D 75 -37.94 36.23 -7.34
CA ASN D 75 -37.75 36.38 -5.89
C ASN D 75 -38.76 37.37 -5.31
N THR D 76 -40.02 36.96 -5.37
CA THR D 76 -41.14 37.81 -5.00
C THR D 76 -42.19 37.01 -4.25
N VAL D 77 -42.71 37.57 -3.16
CA VAL D 77 -43.78 36.96 -2.38
C VAL D 77 -45.07 37.66 -2.73
N TYR D 78 -46.12 36.88 -2.96
CA TYR D 78 -47.44 37.40 -3.28
C TYR D 78 -48.45 36.93 -2.24
N LEU D 79 -49.34 37.83 -1.84
CA LEU D 79 -50.42 37.51 -0.92
C LEU D 79 -51.72 38.05 -1.50
N GLN D 80 -52.56 37.15 -2.02
CA GLN D 80 -53.85 37.52 -2.59
C GLN D 80 -54.90 37.42 -1.50
N MET D 81 -55.38 38.57 -1.02
CA MET D 81 -56.29 38.62 0.13
C MET D 81 -57.69 38.98 -0.36
N ASN D 82 -58.59 38.01 -0.34
CA ASN D 82 -59.98 38.21 -0.69
C ASN D 82 -60.86 37.97 0.53
N SER D 83 -62.09 38.45 0.45
CA SER D 83 -63.05 38.39 1.55
C SER D 83 -62.45 39.04 2.81
N LEU D 84 -62.10 40.32 2.67
CA LEU D 84 -61.49 41.06 3.75
C LEU D 84 -62.53 41.50 4.78
N LYS D 85 -62.05 41.75 6.00
CA LYS D 85 -62.89 42.14 7.12
C LYS D 85 -62.15 43.18 7.96
N PRO D 86 -62.84 43.89 8.86
CA PRO D 86 -62.12 44.84 9.74
C PRO D 86 -61.04 44.18 10.58
N GLU D 87 -61.19 42.90 10.91
CA GLU D 87 -60.14 42.19 11.65
C GLU D 87 -58.91 41.91 10.80
N ASP D 88 -59.01 42.04 9.48
CA ASP D 88 -57.86 41.92 8.59
C ASP D 88 -57.00 43.17 8.60
N THR D 89 -57.39 44.21 9.34
CA THR D 89 -56.70 45.49 9.31
C THR D 89 -55.46 45.44 10.19
N ALA D 90 -54.32 45.81 9.61
CA ALA D 90 -53.04 45.81 10.29
C ALA D 90 -51.99 46.36 9.34
N VAL D 91 -50.81 46.65 9.88
CA VAL D 91 -49.65 47.00 9.07
C VAL D 91 -48.96 45.71 8.66
N TYR D 92 -48.92 45.43 7.36
CA TYR D 92 -48.41 44.18 6.85
C TYR D 92 -46.94 44.34 6.47
N TYR D 93 -46.11 43.42 6.94
CA TYR D 93 -44.67 43.45 6.76
C TYR D 93 -44.19 42.22 6.00
N CYS D 94 -43.03 42.35 5.37
CA CYS D 94 -42.43 41.29 4.57
C CYS D 94 -41.22 40.75 5.31
N ALA D 95 -41.28 39.49 5.73
CA ALA D 95 -40.20 38.85 6.45
C ALA D 95 -39.60 37.74 5.59
N ALA D 96 -38.28 37.59 5.68
CA ALA D 96 -37.56 36.59 4.91
C ALA D 96 -36.40 36.05 5.72
N ARG D 97 -36.10 34.77 5.52
CA ARG D 97 -34.98 34.10 6.17
C ARG D 97 -34.15 33.40 5.12
N LEU D 98 -32.84 33.58 5.17
CA LEU D 98 -31.97 32.99 4.15
C LEU D 98 -31.79 31.49 4.34
N TYR D 99 -31.76 31.01 5.57
CA TYR D 99 -31.62 29.60 5.89
C TYR D 99 -32.69 29.19 6.87
N PRO D 100 -33.07 27.90 6.88
CA PRO D 100 -34.15 27.46 7.77
C PRO D 100 -33.80 27.51 9.26
N ILE D 101 -33.66 28.72 9.80
CA ILE D 101 -33.61 28.94 11.24
C ILE D 101 -35.01 29.36 11.66
N LEU D 102 -35.68 28.51 12.44
CA LEU D 102 -37.04 28.82 12.88
C LEU D 102 -37.04 30.09 13.71
N GLY D 103 -37.83 31.07 13.27
CA GLY D 103 -37.81 32.40 13.83
C GLY D 103 -37.99 33.44 12.74
N HIS D 104 -37.41 34.62 12.90
CA HIS D 104 -37.47 35.65 11.87
C HIS D 104 -36.22 36.51 11.98
N THR D 105 -35.56 36.76 10.85
CA THR D 105 -34.30 37.51 10.86
C THR D 105 -34.37 38.79 10.03
N TYR D 106 -34.81 38.73 8.78
CA TYR D 106 -34.90 39.91 7.93
C TYR D 106 -36.34 40.41 7.86
N TRP D 107 -36.49 41.73 7.76
CA TRP D 107 -37.78 42.38 7.77
C TRP D 107 -37.87 43.39 6.64
N GLY D 108 -39.10 43.69 6.22
CA GLY D 108 -39.37 44.63 5.17
C GLY D 108 -39.79 46.00 5.70
N GLN D 109 -40.17 46.87 4.77
CA GLN D 109 -40.51 48.25 5.13
C GLN D 109 -41.90 48.34 5.76
N GLY D 110 -42.88 47.65 5.18
CA GLY D 110 -44.22 47.65 5.74
C GLY D 110 -45.22 48.48 4.96
N THR D 111 -46.40 47.90 4.71
CA THR D 111 -47.47 48.56 4.00
C THR D 111 -48.76 48.43 4.79
N GLN D 112 -49.55 49.51 4.81
CA GLN D 112 -50.79 49.54 5.57
C GLN D 112 -51.97 49.11 4.72
N VAL D 113 -52.82 48.26 5.29
CA VAL D 113 -54.06 47.83 4.67
C VAL D 113 -55.20 48.20 5.61
N THR D 114 -56.20 48.90 5.08
CA THR D 114 -57.30 49.41 5.89
C THR D 114 -58.63 48.89 5.33
N VAL D 115 -59.50 48.47 6.25
CA VAL D 115 -60.84 47.97 5.93
C VAL D 115 -61.81 48.65 6.88
N SER D 116 -62.63 49.55 6.36
CA SER D 116 -63.40 50.47 7.17
C SER D 116 -64.73 49.85 7.61
N SER D 117 -65.21 50.31 8.76
CA SER D 117 -66.51 49.89 9.30
C SER D 117 -66.97 50.88 10.37
CA CA E . -39.24 7.88 -2.76
#